data_3E8V
# 
_entry.id   3E8V 
# 
_audit_conform.dict_name       mmcif_pdbx.dic 
_audit_conform.dict_version    5.387 
_audit_conform.dict_location   http://mmcif.pdb.org/dictionaries/ascii/mmcif_pdbx.dic 
# 
loop_
_database_2.database_id 
_database_2.database_code 
_database_2.pdbx_database_accession 
_database_2.pdbx_DOI 
PDB   3E8V         pdb_00003e8v 10.2210/pdb3e8v/pdb 
RCSB  RCSB049021   ?            ?                   
WWPDB D_1000049021 ?            ?                   
# 
loop_
_pdbx_audit_revision_history.ordinal 
_pdbx_audit_revision_history.data_content_type 
_pdbx_audit_revision_history.major_revision 
_pdbx_audit_revision_history.minor_revision 
_pdbx_audit_revision_history.revision_date 
1 'Structure model' 1 0 2008-09-02 
2 'Structure model' 1 1 2011-07-13 
3 'Structure model' 1 2 2017-10-25 
4 'Structure model' 1 3 2018-11-14 
5 'Structure model' 1 4 2021-02-10 
6 'Structure model' 1 5 2024-02-21 
# 
_pdbx_audit_revision_details.ordinal             1 
_pdbx_audit_revision_details.revision_ordinal    1 
_pdbx_audit_revision_details.data_content_type   'Structure model' 
_pdbx_audit_revision_details.provider            repository 
_pdbx_audit_revision_details.type                'Initial release' 
_pdbx_audit_revision_details.description         ? 
_pdbx_audit_revision_details.details             ? 
# 
loop_
_pdbx_audit_revision_group.ordinal 
_pdbx_audit_revision_group.revision_ordinal 
_pdbx_audit_revision_group.data_content_type 
_pdbx_audit_revision_group.group 
1 2 'Structure model' 'Version format compliance' 
2 3 'Structure model' 'Refinement description'    
3 4 'Structure model' 'Data collection'           
4 4 'Structure model' 'Structure summary'         
5 5 'Structure model' 'Database references'       
6 5 'Structure model' 'Derived calculations'      
7 5 'Structure model' 'Structure summary'         
8 6 'Structure model' 'Data collection'           
9 6 'Structure model' 'Database references'       
# 
loop_
_pdbx_audit_revision_category.ordinal 
_pdbx_audit_revision_category.revision_ordinal 
_pdbx_audit_revision_category.data_content_type 
_pdbx_audit_revision_category.category 
1 3 'Structure model' software        
2 4 'Structure model' audit_author    
3 5 'Structure model' audit_author    
4 5 'Structure model' citation_author 
5 5 'Structure model' struct_site     
6 6 'Structure model' chem_comp_atom  
7 6 'Structure model' chem_comp_bond  
8 6 'Structure model' database_2      
# 
loop_
_pdbx_audit_revision_item.ordinal 
_pdbx_audit_revision_item.revision_ordinal 
_pdbx_audit_revision_item.data_content_type 
_pdbx_audit_revision_item.item 
1 4 'Structure model' '_audit_author.identifier_ORCID'      
2 5 'Structure model' '_audit_author.identifier_ORCID'      
3 5 'Structure model' '_citation_author.identifier_ORCID'   
4 5 'Structure model' '_struct_site.pdbx_auth_asym_id'      
5 5 'Structure model' '_struct_site.pdbx_auth_comp_id'      
6 5 'Structure model' '_struct_site.pdbx_auth_seq_id'       
7 6 'Structure model' '_database_2.pdbx_DOI'                
8 6 'Structure model' '_database_2.pdbx_database_accession' 
# 
_pdbx_database_status.entry_id                        3E8V 
_pdbx_database_status.deposit_site                    RCSB 
_pdbx_database_status.process_site                    RCSB 
_pdbx_database_status.recvd_initial_deposition_date   2008-08-20 
_pdbx_database_status.status_code                     REL 
_pdbx_database_status.status_code_sf                  REL 
_pdbx_database_status.status_code_mr                  ? 
_pdbx_database_status.SG_entry                        Y 
_pdbx_database_status.pdb_format_compatible           Y 
_pdbx_database_status.status_code_cs                  ? 
_pdbx_database_status.methods_development_category    ? 
_pdbx_database_status.status_code_nmr_data            ? 
# 
_pdbx_database_related.db_name        TargetDB 
_pdbx_database_related.db_id          NYSGXRC-12019a 
_pdbx_database_related.details        . 
_pdbx_database_related.content_type   unspecified 
# 
loop_
_audit_author.name 
_audit_author.pdbx_ordinal 
_audit_author.identifier_ORCID 
'Bonanno, J.B.'                                                  1  ?                   
'Rutter, M.'                                                     2  ?                   
'Bain, K.T.'                                                     3  ?                   
'Hu, S.'                                                         4  ?                   
'Romero, R.'                                                     5  ?                   
'Smith, D.'                                                      6  ?                   
'Wasserman, S.'                                                  7  ?                   
'Sauder, J.M.'                                                   8  0000-0002-0254-4955 
'Burley, S.K.'                                                   9  0000-0002-2487-9713 
'Almo, S.C.'                                                     10 ?                   
'New York SGX Research Center for Structural Genomics (NYSGXRC)' 11 ?                   
# 
_citation.id                        primary 
_citation.title                     
'Crystal structure of a possible transglutaminase-family protein proteolytic fragment from Bacteroides fragilis' 
_citation.journal_abbrev            'To be Published' 
_citation.journal_volume            ? 
_citation.page_first                ? 
_citation.page_last                 ? 
_citation.year                      ? 
_citation.journal_id_ASTM           ? 
_citation.country                   ? 
_citation.journal_id_ISSN           ? 
_citation.journal_id_CSD            0353 
_citation.book_publisher            ? 
_citation.pdbx_database_id_PubMed   ? 
_citation.pdbx_database_id_DOI      ? 
# 
loop_
_citation_author.citation_id 
_citation_author.name 
_citation_author.ordinal 
_citation_author.identifier_ORCID 
primary 'Bonanno, J.B.' 1  ?                   
primary 'Rutter, M.'    2  ?                   
primary 'Bain, K.T.'    3  ?                   
primary 'Hu, S.'        4  ?                   
primary 'Romero, R.'    5  ?                   
primary 'Smith, D.'     6  ?                   
primary 'Wasserman, S.' 7  ?                   
primary 'Sauder, J.M.'  8  ?                   
primary 'Burley, S.K.'  9  0000-0002-2487-9713 
primary 'Almo, S.C.'    10 ?                   
# 
loop_
_entity.id 
_entity.type 
_entity.src_method 
_entity.pdbx_description 
_entity.formula_weight 
_entity.pdbx_number_of_molecules 
_entity.pdbx_ec 
_entity.pdbx_mutation 
_entity.pdbx_fragment 
_entity.details 
1 polymer     man 'Possible transglutaminase-family protein' 8917.956 1 ? ? 'residues 289-370' ? 
2 non-polymer syn 'UNKNOWN LIGAND'                           ?        1 ? ? ?                  ? 
3 water       nat water                                      18.015   5 ? ? ?                  ? 
# 
_entity_poly.entity_id                      1 
_entity_poly.type                           'polypeptide(L)' 
_entity_poly.nstd_linkage                   no 
_entity_poly.nstd_monomer                   no 
_entity_poly.pdbx_seq_one_letter_code       
;AKGSVLVTDAEGQPVADATVEFKVYNYAEFYTVATKHTDRSGHASLTAGKGDMLVWASKDGRFGYSKLSFGKDNELKITL
DK
;
_entity_poly.pdbx_seq_one_letter_code_can   
;AKGSVLVTDAEGQPVADATVEFKVYNYAEFYTVATKHTDRSGHASLTAGKGDMLVWASKDGRFGYSKLSFGKDNELKITL
DK
;
_entity_poly.pdbx_strand_id                 A 
_entity_poly.pdbx_target_identifier         NYSGXRC-12019a 
# 
loop_
_pdbx_entity_nonpoly.entity_id 
_pdbx_entity_nonpoly.name 
_pdbx_entity_nonpoly.comp_id 
2 'UNKNOWN LIGAND' UNL 
3 water            HOH 
# 
loop_
_entity_poly_seq.entity_id 
_entity_poly_seq.num 
_entity_poly_seq.mon_id 
_entity_poly_seq.hetero 
1 1  ALA n 
1 2  LYS n 
1 3  GLY n 
1 4  SER n 
1 5  VAL n 
1 6  LEU n 
1 7  VAL n 
1 8  THR n 
1 9  ASP n 
1 10 ALA n 
1 11 GLU n 
1 12 GLY n 
1 13 GLN n 
1 14 PRO n 
1 15 VAL n 
1 16 ALA n 
1 17 ASP n 
1 18 ALA n 
1 19 THR n 
1 20 VAL n 
1 21 GLU n 
1 22 PHE n 
1 23 LYS n 
1 24 VAL n 
1 25 TYR n 
1 26 ASN n 
1 27 TYR n 
1 28 ALA n 
1 29 GLU n 
1 30 PHE n 
1 31 TYR n 
1 32 THR n 
1 33 VAL n 
1 34 ALA n 
1 35 THR n 
1 36 LYS n 
1 37 HIS n 
1 38 THR n 
1 39 ASP n 
1 40 ARG n 
1 41 SER n 
1 42 GLY n 
1 43 HIS n 
1 44 ALA n 
1 45 SER n 
1 46 LEU n 
1 47 THR n 
1 48 ALA n 
1 49 GLY n 
1 50 LYS n 
1 51 GLY n 
1 52 ASP n 
1 53 MET n 
1 54 LEU n 
1 55 VAL n 
1 56 TRP n 
1 57 ALA n 
1 58 SER n 
1 59 LYS n 
1 60 ASP n 
1 61 GLY n 
1 62 ARG n 
1 63 PHE n 
1 64 GLY n 
1 65 TYR n 
1 66 SER n 
1 67 LYS n 
1 68 LEU n 
1 69 SER n 
1 70 PHE n 
1 71 GLY n 
1 72 LYS n 
1 73 ASP n 
1 74 ASN n 
1 75 GLU n 
1 76 LEU n 
1 77 LYS n 
1 78 ILE n 
1 79 THR n 
1 80 LEU n 
1 81 ASP n 
1 82 LYS n 
# 
_entity_src_gen.entity_id                          1 
_entity_src_gen.pdbx_src_id                        1 
_entity_src_gen.pdbx_alt_source_flag               sample 
_entity_src_gen.pdbx_seq_type                      ? 
_entity_src_gen.pdbx_beg_seq_num                   ? 
_entity_src_gen.pdbx_end_seq_num                   ? 
_entity_src_gen.gene_src_common_name               ? 
_entity_src_gen.gene_src_genus                     ? 
_entity_src_gen.pdbx_gene_src_gene                 BF1045 
_entity_src_gen.gene_src_species                   ? 
_entity_src_gen.gene_src_strain                    'ATCC 25285' 
_entity_src_gen.gene_src_tissue                    ? 
_entity_src_gen.gene_src_tissue_fraction           ? 
_entity_src_gen.gene_src_details                   ? 
_entity_src_gen.pdbx_gene_src_fragment             ? 
_entity_src_gen.pdbx_gene_src_scientific_name      'Bacteroides fragilis NCTC 9343' 
_entity_src_gen.pdbx_gene_src_ncbi_taxonomy_id     272559 
_entity_src_gen.pdbx_gene_src_variant              ? 
_entity_src_gen.pdbx_gene_src_cell_line            ? 
_entity_src_gen.pdbx_gene_src_atcc                 ? 
_entity_src_gen.pdbx_gene_src_organ                ? 
_entity_src_gen.pdbx_gene_src_organelle            ? 
_entity_src_gen.pdbx_gene_src_cell                 ? 
_entity_src_gen.pdbx_gene_src_cellular_location    ? 
_entity_src_gen.host_org_common_name               ? 
_entity_src_gen.pdbx_host_org_scientific_name      'Escherichia coli' 
_entity_src_gen.pdbx_host_org_ncbi_taxonomy_id     562 
_entity_src_gen.host_org_genus                     ? 
_entity_src_gen.pdbx_host_org_gene                 ? 
_entity_src_gen.pdbx_host_org_organ                ? 
_entity_src_gen.host_org_species                   ? 
_entity_src_gen.pdbx_host_org_tissue               ? 
_entity_src_gen.pdbx_host_org_tissue_fraction      ? 
_entity_src_gen.pdbx_host_org_strain               'BL21(DE3)' 
_entity_src_gen.pdbx_host_org_variant              ? 
_entity_src_gen.pdbx_host_org_cell_line            ? 
_entity_src_gen.pdbx_host_org_atcc                 ? 
_entity_src_gen.pdbx_host_org_culture_collection   ? 
_entity_src_gen.pdbx_host_org_cell                 ? 
_entity_src_gen.pdbx_host_org_organelle            ? 
_entity_src_gen.pdbx_host_org_cellular_location    ? 
_entity_src_gen.pdbx_host_org_vector_type          plasmid 
_entity_src_gen.pdbx_host_org_vector               ? 
_entity_src_gen.host_org_details                   ? 
_entity_src_gen.expression_system_id               ? 
_entity_src_gen.plasmid_name                       'modified pET26' 
_entity_src_gen.plasmid_details                    ? 
_entity_src_gen.pdbx_description                   ? 
# 
loop_
_chem_comp.id 
_chem_comp.type 
_chem_comp.mon_nstd_flag 
_chem_comp.name 
_chem_comp.pdbx_synonyms 
_chem_comp.formula 
_chem_comp.formula_weight 
ALA 'L-peptide linking' y ALANINE          ? 'C3 H7 N O2'     89.093  
ARG 'L-peptide linking' y ARGININE         ? 'C6 H15 N4 O2 1' 175.209 
ASN 'L-peptide linking' y ASPARAGINE       ? 'C4 H8 N2 O3'    132.118 
ASP 'L-peptide linking' y 'ASPARTIC ACID'  ? 'C4 H7 N O4'     133.103 
GLN 'L-peptide linking' y GLUTAMINE        ? 'C5 H10 N2 O3'   146.144 
GLU 'L-peptide linking' y 'GLUTAMIC ACID'  ? 'C5 H9 N O4'     147.129 
GLY 'peptide linking'   y GLYCINE          ? 'C2 H5 N O2'     75.067  
HIS 'L-peptide linking' y HISTIDINE        ? 'C6 H10 N3 O2 1' 156.162 
HOH non-polymer         . WATER            ? 'H2 O'           18.015  
ILE 'L-peptide linking' y ISOLEUCINE       ? 'C6 H13 N O2'    131.173 
LEU 'L-peptide linking' y LEUCINE          ? 'C6 H13 N O2'    131.173 
LYS 'L-peptide linking' y LYSINE           ? 'C6 H15 N2 O2 1' 147.195 
MET 'L-peptide linking' y METHIONINE       ? 'C5 H11 N O2 S'  149.211 
PHE 'L-peptide linking' y PHENYLALANINE    ? 'C9 H11 N O2'    165.189 
PRO 'L-peptide linking' y PROLINE          ? 'C5 H9 N O2'     115.130 
SER 'L-peptide linking' y SERINE           ? 'C3 H7 N O3'     105.093 
THR 'L-peptide linking' y THREONINE        ? 'C4 H9 N O3'     119.119 
TRP 'L-peptide linking' y TRYPTOPHAN       ? 'C11 H12 N2 O2'  204.225 
TYR 'L-peptide linking' y TYROSINE         ? 'C9 H11 N O3'    181.189 
UNL non-polymer         . 'UNKNOWN LIGAND' ? ?                ?       
VAL 'L-peptide linking' y VALINE           ? 'C5 H11 N O2'    117.146 
# 
loop_
_pdbx_poly_seq_scheme.asym_id 
_pdbx_poly_seq_scheme.entity_id 
_pdbx_poly_seq_scheme.seq_id 
_pdbx_poly_seq_scheme.mon_id 
_pdbx_poly_seq_scheme.ndb_seq_num 
_pdbx_poly_seq_scheme.pdb_seq_num 
_pdbx_poly_seq_scheme.auth_seq_num 
_pdbx_poly_seq_scheme.pdb_mon_id 
_pdbx_poly_seq_scheme.auth_mon_id 
_pdbx_poly_seq_scheme.pdb_strand_id 
_pdbx_poly_seq_scheme.pdb_ins_code 
_pdbx_poly_seq_scheme.hetero 
A 1 1  ALA 1  289 289 ALA ALA A . n 
A 1 2  LYS 2  290 290 LYS LYS A . n 
A 1 3  GLY 3  291 291 GLY GLY A . n 
A 1 4  SER 4  292 292 SER SER A . n 
A 1 5  VAL 5  293 293 VAL VAL A . n 
A 1 6  LEU 6  294 294 LEU LEU A . n 
A 1 7  VAL 7  295 295 VAL VAL A . n 
A 1 8  THR 8  296 296 THR THR A . n 
A 1 9  ASP 9  297 297 ASP ASP A . n 
A 1 10 ALA 10 298 298 ALA ALA A . n 
A 1 11 GLU 11 299 299 GLU GLU A . n 
A 1 12 GLY 12 300 300 GLY GLY A . n 
A 1 13 GLN 13 301 301 GLN GLN A . n 
A 1 14 PRO 14 302 302 PRO PRO A . n 
A 1 15 VAL 15 303 303 VAL VAL A . n 
A 1 16 ALA 16 304 304 ALA ALA A . n 
A 1 17 ASP 17 305 305 ASP ASP A . n 
A 1 18 ALA 18 306 306 ALA ALA A . n 
A 1 19 THR 19 307 307 THR THR A . n 
A 1 20 VAL 20 308 308 VAL VAL A . n 
A 1 21 GLU 21 309 309 GLU GLU A . n 
A 1 22 PHE 22 310 310 PHE PHE A . n 
A 1 23 LYS 23 311 311 LYS LYS A . n 
A 1 24 VAL 24 312 312 VAL VAL A . n 
A 1 25 TYR 25 313 313 TYR TYR A . n 
A 1 26 ASN 26 314 314 ASN ASN A . n 
A 1 27 TYR 27 315 315 TYR TYR A . n 
A 1 28 ALA 28 316 316 ALA ALA A . n 
A 1 29 GLU 29 317 317 GLU GLU A . n 
A 1 30 PHE 30 318 318 PHE PHE A . n 
A 1 31 TYR 31 319 319 TYR TYR A . n 
A 1 32 THR 32 320 320 THR THR A . n 
A 1 33 VAL 33 321 321 VAL VAL A . n 
A 1 34 ALA 34 322 322 ALA ALA A . n 
A 1 35 THR 35 323 323 THR THR A . n 
A 1 36 LYS 36 324 324 LYS LYS A . n 
A 1 37 HIS 37 325 325 HIS HIS A . n 
A 1 38 THR 38 326 326 THR THR A . n 
A 1 39 ASP 39 327 327 ASP ASP A . n 
A 1 40 ARG 40 328 328 ARG ARG A . n 
A 1 41 SER 41 329 329 SER SER A . n 
A 1 42 GLY 42 330 330 GLY GLY A . n 
A 1 43 HIS 43 331 331 HIS HIS A . n 
A 1 44 ALA 44 332 332 ALA ALA A . n 
A 1 45 SER 45 333 333 SER SER A . n 
A 1 46 LEU 46 334 334 LEU LEU A . n 
A 1 47 THR 47 335 335 THR THR A . n 
A 1 48 ALA 48 336 336 ALA ALA A . n 
A 1 49 GLY 49 337 337 GLY GLY A . n 
A 1 50 LYS 50 338 338 LYS LYS A . n 
A 1 51 GLY 51 339 339 GLY GLY A . n 
A 1 52 ASP 52 340 340 ASP ASP A . n 
A 1 53 MET 53 341 341 MET MET A . n 
A 1 54 LEU 54 342 342 LEU LEU A . n 
A 1 55 VAL 55 343 343 VAL VAL A . n 
A 1 56 TRP 56 344 344 TRP TRP A . n 
A 1 57 ALA 57 345 345 ALA ALA A . n 
A 1 58 SER 58 346 346 SER SER A . n 
A 1 59 LYS 59 347 347 LYS LYS A . n 
A 1 60 ASP 60 348 348 ASP ASP A . n 
A 1 61 GLY 61 349 349 GLY GLY A . n 
A 1 62 ARG 62 350 350 ARG ARG A . n 
A 1 63 PHE 63 351 351 PHE PHE A . n 
A 1 64 GLY 64 352 352 GLY GLY A . n 
A 1 65 TYR 65 353 353 TYR TYR A . n 
A 1 66 SER 66 354 354 SER SER A . n 
A 1 67 LYS 67 355 355 LYS LYS A . n 
A 1 68 LEU 68 356 356 LEU LEU A . n 
A 1 69 SER 69 357 357 SER SER A . n 
A 1 70 PHE 70 358 358 PHE PHE A . n 
A 1 71 GLY 71 359 359 GLY GLY A . n 
A 1 72 LYS 72 360 360 LYS LYS A . n 
A 1 73 ASP 73 361 361 ASP ASP A . n 
A 1 74 ASN 74 362 362 ASN ASN A . n 
A 1 75 GLU 75 363 363 GLU GLU A . n 
A 1 76 LEU 76 364 364 LEU LEU A . n 
A 1 77 LYS 77 365 365 LYS LYS A . n 
A 1 78 ILE 78 366 366 ILE ILE A . n 
A 1 79 THR 79 367 367 THR THR A . n 
A 1 80 LEU 80 368 368 LEU LEU A . n 
A 1 81 ASP 81 369 369 ASP ASP A . n 
A 1 82 LYS 82 370 370 LYS LYS A . n 
# 
loop_
_pdbx_nonpoly_scheme.asym_id 
_pdbx_nonpoly_scheme.entity_id 
_pdbx_nonpoly_scheme.mon_id 
_pdbx_nonpoly_scheme.ndb_seq_num 
_pdbx_nonpoly_scheme.pdb_seq_num 
_pdbx_nonpoly_scheme.auth_seq_num 
_pdbx_nonpoly_scheme.pdb_mon_id 
_pdbx_nonpoly_scheme.auth_mon_id 
_pdbx_nonpoly_scheme.pdb_strand_id 
_pdbx_nonpoly_scheme.pdb_ins_code 
B 2 UNL 1 1  1  UNL UNL A . 
C 3 HOH 1 5  5  HOH HOH A . 
C 3 HOH 2 6  6  HOH HOH A . 
C 3 HOH 3 7  7  HOH HOH A . 
C 3 HOH 4 11 11 HOH HOH A . 
C 3 HOH 5 12 12 HOH HOH A . 
# 
loop_
_pdbx_unobs_or_zero_occ_atoms.id 
_pdbx_unobs_or_zero_occ_atoms.PDB_model_num 
_pdbx_unobs_or_zero_occ_atoms.polymer_flag 
_pdbx_unobs_or_zero_occ_atoms.occupancy_flag 
_pdbx_unobs_or_zero_occ_atoms.auth_asym_id 
_pdbx_unobs_or_zero_occ_atoms.auth_comp_id 
_pdbx_unobs_or_zero_occ_atoms.auth_seq_id 
_pdbx_unobs_or_zero_occ_atoms.PDB_ins_code 
_pdbx_unobs_or_zero_occ_atoms.auth_atom_id 
_pdbx_unobs_or_zero_occ_atoms.label_alt_id 
_pdbx_unobs_or_zero_occ_atoms.label_asym_id 
_pdbx_unobs_or_zero_occ_atoms.label_comp_id 
_pdbx_unobs_or_zero_occ_atoms.label_seq_id 
_pdbx_unobs_or_zero_occ_atoms.label_atom_id 
1  1 Y 1 A GLU 299 ? CG  ? A GLU 11 CG  
2  1 Y 1 A GLU 299 ? CD  ? A GLU 11 CD  
3  1 Y 1 A GLU 299 ? OE1 ? A GLU 11 OE1 
4  1 Y 1 A GLU 299 ? OE2 ? A GLU 11 OE2 
5  1 Y 1 A ARG 328 ? CG  ? A ARG 40 CG  
6  1 Y 1 A ARG 328 ? CD  ? A ARG 40 CD  
7  1 Y 1 A ARG 328 ? NE  ? A ARG 40 NE  
8  1 Y 1 A ARG 328 ? CZ  ? A ARG 40 CZ  
9  1 Y 1 A ARG 328 ? NH1 ? A ARG 40 NH1 
10 1 Y 1 A ARG 328 ? NH2 ? A ARG 40 NH2 
11 1 Y 1 A SER 333 ? OG  ? A SER 45 OG  
12 1 Y 1 A LYS 338 ? CG  ? A LYS 50 CG  
13 1 Y 1 A LYS 338 ? CD  ? A LYS 50 CD  
14 1 Y 1 A LYS 338 ? CE  ? A LYS 50 CE  
15 1 Y 1 A LYS 338 ? NZ  ? A LYS 50 NZ  
16 1 Y 1 A ARG 350 ? CG  ? A ARG 62 CG  
17 1 Y 1 A ARG 350 ? CD  ? A ARG 62 CD  
18 1 Y 1 A ARG 350 ? NE  ? A ARG 62 NE  
19 1 Y 1 A ARG 350 ? CZ  ? A ARG 62 CZ  
20 1 Y 1 A ARG 350 ? NH1 ? A ARG 62 NH1 
21 1 Y 1 A ARG 350 ? NH2 ? A ARG 62 NH2 
22 1 Y 1 A LYS 365 ? CG  ? A LYS 77 CG  
23 1 Y 1 A LYS 365 ? CD  ? A LYS 77 CD  
24 1 Y 1 A LYS 365 ? CE  ? A LYS 77 CE  
25 1 Y 1 A LYS 365 ? NZ  ? A LYS 77 NZ  
26 1 Y 1 A ASP 369 ? CG  ? A ASP 81 CG  
27 1 Y 1 A ASP 369 ? OD1 ? A ASP 81 OD1 
28 1 Y 1 A ASP 369 ? OD2 ? A ASP 81 OD2 
# 
loop_
_software.name 
_software.version 
_software.date 
_software.type 
_software.contact_author 
_software.contact_author_email 
_software.classification 
_software.location 
_software.language 
_software.citation_id 
_software.pdbx_ordinal 
SCALA       3.2.19 22/12/2005      other   'Phil R. Evans'      pre@mrc-lmb.cam.ac.uk 'data scaling'    
http://www.ccp4.ac.uk/dist/html/scala.html   Fortran_77 ? 1 
REFMAC      .      ?               program 'Garib N. Murshudov' garib@ysbl.york.ac.uk refinement        
http://www.ccp4.ac.uk/dist/html/refmac5.html Fortran_77 ? 2 
PDB_EXTRACT 3.006  'June 11, 2008' package PDB                  help@deposit.rcsb.org 'data extraction' 
http://sw-tools.pdb.org/apps/PDB_EXTRACT/    C++        ? 3 
MAR345      CCD    ?               ?       ?                    ?                     'data collection' ? ?          ? 4 
MOSFLM      .      ?               ?       ?                    ?                     'data reduction'  ? ?          ? 5 
SHELXCD     .      ?               ?       ?                    ?                     phasing           ? ?          ? 6 
SHELXE      .      ?               ?       ?                    ?                     'model building'  ? ?          ? 7 
# 
_cell.length_a           82.006 
_cell.length_b           82.006 
_cell.length_c           32.367 
_cell.angle_alpha        90.000 
_cell.angle_beta         90.000 
_cell.angle_gamma        120.000 
_cell.entry_id           3E8V 
_cell.pdbx_unique_axis   ? 
_cell.Z_PDB              6 
_cell.length_a_esd       ? 
_cell.length_b_esd       ? 
_cell.length_c_esd       ? 
_cell.angle_alpha_esd    ? 
_cell.angle_beta_esd     ? 
_cell.angle_gamma_esd    ? 
# 
_symmetry.space_group_name_H-M             'P 31 2 1' 
_symmetry.entry_id                         3E8V 
_symmetry.Int_Tables_number                152 
_symmetry.pdbx_full_space_group_name_H-M   ? 
_symmetry.cell_setting                     ? 
_symmetry.space_group_name_Hall            ? 
# 
_exptl.crystals_number   1 
_exptl.entry_id          3E8V 
_exptl.method            'X-RAY DIFFRACTION' 
# 
_exptl_crystal.id                    1 
_exptl_crystal.density_Matthews      3.52 
_exptl_crystal.density_meas          ? 
_exptl_crystal.density_percent_sol   65.09 
_exptl_crystal.description           ? 
_exptl_crystal.F_000                 ? 
_exptl_crystal.preparation           ? 
# 
_exptl_crystal_grow.crystal_id      1 
_exptl_crystal_grow.method          'VAPOR DIFFUSION' 
_exptl_crystal_grow.pH              6.5 
_exptl_crystal_grow.temp            294 
_exptl_crystal_grow.pdbx_details    
'100mM sodium cacodylate pH 6.5, 1.4M sodium acetate hydrate, Vapor diffusion, temperature 294K' 
_exptl_crystal_grow.temp_details    ? 
_exptl_crystal_grow.pdbx_pH_range   ? 
# 
_diffrn.id                     1 
_diffrn.ambient_temp           100 
_diffrn.ambient_temp_details   ? 
_diffrn.crystal_id             1 
# 
_diffrn_detector.diffrn_id              1 
_diffrn_detector.detector               CCD 
_diffrn_detector.type                   'MAR CCD 165 mm' 
_diffrn_detector.pdbx_collection_date   2008-07-18 
_diffrn_detector.details                ? 
# 
_diffrn_radiation.diffrn_id                        1 
_diffrn_radiation.pdbx_diffrn_protocol             'SINGLE WAVELENGTH' 
_diffrn_radiation.monochromator                    diamond 
_diffrn_radiation.wavelength_id                    1 
_diffrn_radiation.pdbx_monochromatic_or_laue_m_l   M 
_diffrn_radiation.pdbx_scattering_type             x-ray 
# 
_diffrn_radiation_wavelength.id           1 
_diffrn_radiation_wavelength.wavelength   0.97958 
_diffrn_radiation_wavelength.wt           1.0 
# 
_diffrn_source.diffrn_id                   1 
_diffrn_source.source                      SYNCHROTRON 
_diffrn_source.type                        'APS BEAMLINE 31-ID' 
_diffrn_source.pdbx_wavelength_list        0.97958 
_diffrn_source.pdbx_wavelength             ? 
_diffrn_source.pdbx_synchrotron_site       APS 
_diffrn_source.pdbx_synchrotron_beamline   31-ID 
# 
_reflns.entry_id                     3E8V 
_reflns.d_resolution_high            2.400 
_reflns.d_resolution_low             19.699 
_reflns.number_all                   5084 
_reflns.number_obs                   5079 
_reflns.pdbx_Rmerge_I_obs            0.100 
_reflns.pdbx_Rsym_value              0.100 
_reflns.pdbx_redundancy              22.000 
_reflns.percent_possible_obs         99.900 
_reflns.observed_criterion_sigma_F   0 
_reflns.observed_criterion_sigma_I   0 
_reflns.pdbx_netI_over_sigmaI        30.1 
_reflns.B_iso_Wilson_estimate        51.6 
_reflns.R_free_details               ? 
_reflns.limit_h_max                  ? 
_reflns.limit_h_min                  ? 
_reflns.limit_k_max                  ? 
_reflns.limit_k_min                  ? 
_reflns.limit_l_max                  ? 
_reflns.limit_l_min                  ? 
_reflns.observed_criterion_F_max     ? 
_reflns.observed_criterion_F_min     ? 
_reflns.pdbx_chi_squared             ? 
_reflns.pdbx_scaling_rejects         ? 
_reflns.pdbx_diffrn_id               1 
_reflns.pdbx_ordinal                 1 
# 
_reflns_shell.d_res_high             2.40 
_reflns_shell.d_res_low              2.53 
_reflns_shell.number_measured_obs    ? 
_reflns_shell.number_measured_all    16470 
_reflns_shell.number_unique_obs      ? 
_reflns_shell.Rmerge_I_obs           0.574 
_reflns_shell.meanI_over_sigI_obs    5.8 
_reflns_shell.pdbx_Rsym_value        0.574 
_reflns_shell.pdbx_chi_squared       ? 
_reflns_shell.pdbx_redundancy        22.30 
_reflns_shell.percent_possible_obs   ? 
_reflns_shell.number_unique_all      737 
_reflns_shell.percent_possible_all   99.80 
_reflns_shell.pdbx_diffrn_id         ? 
_reflns_shell.pdbx_ordinal           1 
# 
_refine.entry_id                                 3E8V 
_refine.ls_d_res_high                            2.400 
_refine.ls_d_res_low                             15.000 
_refine.pdbx_ls_sigma_F                          0.00 
_refine.ls_percent_reflns_obs                    99.920 
_refine.ls_number_reflns_obs                     5050 
_refine.pdbx_ls_cross_valid_method               THROUGHOUT 
_refine.pdbx_R_Free_selection_details            RANDOM 
_refine.details                                  
'HYDROGENS HAVE BEEN ADDED IN THE RIDING POSITIONS; UNKNOWN ION MODELED AS BA; PROTEOLYTIC FRAGMENT IDENTIFIED BY SEQUENCE REGISTER' 
_refine.ls_R_factor_obs                          0.226 
_refine.ls_R_factor_R_work                       0.225 
_refine.ls_wR_factor_R_work                      0.220 
_refine.ls_R_factor_R_free                       0.243 
_refine.ls_wR_factor_R_free                      0.239 
_refine.ls_percent_reflns_R_free                 4.400 
_refine.ls_number_reflns_R_free                  224 
_refine.B_iso_mean                               36.837 
_refine.aniso_B[1][1]                            -1.070 
_refine.aniso_B[2][2]                            -1.070 
_refine.aniso_B[3][3]                            1.610 
_refine.aniso_B[1][2]                            -0.540 
_refine.aniso_B[1][3]                            0.000 
_refine.aniso_B[2][3]                            0.000 
_refine.correlation_coeff_Fo_to_Fc               0.932 
_refine.correlation_coeff_Fo_to_Fc_free          0.924 
_refine.overall_SU_R_Cruickshank_DPI             0.276 
_refine.overall_SU_R_free                        0.210 
_refine.pdbx_overall_ESU_R                       0.276 
_refine.pdbx_overall_ESU_R_Free                  0.210 
_refine.overall_SU_ML                            0.155 
_refine.overall_SU_B                             6.792 
_refine.solvent_model_details                    MASK 
_refine.pdbx_solvent_vdw_probe_radii             1.400 
_refine.pdbx_solvent_ion_probe_radii             0.800 
_refine.pdbx_solvent_shrinkage_radii             0.800 
_refine.pdbx_method_to_determine_struct          SAD 
_refine.pdbx_stereochemistry_target_values       'MAXIMUM LIKELIHOOD' 
_refine.overall_FOM_work_R_set                   0.820 
_refine.B_iso_max                                57.06 
_refine.B_iso_min                                18.71 
_refine.occupancy_max                            1.00 
_refine.occupancy_min                            0.50 
_refine.pdbx_ls_sigma_I                          0 
_refine.ls_number_reflns_all                     5054 
_refine.ls_R_factor_all                          ? 
_refine.ls_redundancy_reflns_obs                 ? 
_refine.pdbx_data_cutoff_high_absF               ? 
_refine.pdbx_data_cutoff_low_absF                ? 
_refine.ls_number_parameters                     ? 
_refine.ls_number_restraints                     ? 
_refine.ls_R_factor_R_free_error                 ? 
_refine.ls_R_factor_R_free_error_details         ? 
_refine.pdbx_starting_model                      ? 
_refine.pdbx_stereochem_target_val_spec_case     ? 
_refine.solvent_model_param_bsol                 ? 
_refine.solvent_model_param_ksol                 ? 
_refine.pdbx_isotropic_thermal_model             ? 
_refine.pdbx_data_cutoff_high_rms_absF           ? 
_refine.overall_FOM_free_R_set                   ? 
_refine.pdbx_overall_phase_error                 ? 
_refine.pdbx_refine_id                           'X-RAY DIFFRACTION' 
_refine.pdbx_diffrn_id                           1 
_refine.pdbx_TLS_residual_ADP_flag               ? 
_refine.pdbx_overall_SU_R_free_Cruickshank_DPI   ? 
_refine.pdbx_overall_SU_R_Blow_DPI               ? 
_refine.pdbx_overall_SU_R_free_Blow_DPI          ? 
# 
_refine_hist.pdbx_refine_id                   'X-RAY DIFFRACTION' 
_refine_hist.cycle_id                         LAST 
_refine_hist.pdbx_number_atoms_protein        600 
_refine_hist.pdbx_number_atoms_nucleic_acid   0 
_refine_hist.pdbx_number_atoms_ligand         1 
_refine_hist.number_atoms_solvent             5 
_refine_hist.number_atoms_total               606 
_refine_hist.d_res_high                       2.400 
_refine_hist.d_res_low                        15.000 
# 
loop_
_refine_ls_restr.type 
_refine_ls_restr.number 
_refine_ls_restr.dev_ideal 
_refine_ls_restr.dev_ideal_target 
_refine_ls_restr.weight 
_refine_ls_restr.pdbx_refine_id 
_refine_ls_restr.pdbx_restraint_function 
r_bond_refined_d             612 0.014  0.022  ? 'X-RAY DIFFRACTION' ? 
r_angle_refined_deg          830 1.527  1.939  ? 'X-RAY DIFFRACTION' ? 
r_dihedral_angle_1_deg       81  6.364  5.000  ? 'X-RAY DIFFRACTION' ? 
r_dihedral_angle_2_deg       23  37.687 25.217 ? 'X-RAY DIFFRACTION' ? 
r_dihedral_angle_3_deg       91  17.773 15.000 ? 'X-RAY DIFFRACTION' ? 
r_chiral_restr               95  0.090  0.200  ? 'X-RAY DIFFRACTION' ? 
r_gen_planes_refined         458 0.005  0.020  ? 'X-RAY DIFFRACTION' ? 
r_nbd_refined                217 0.241  0.200  ? 'X-RAY DIFFRACTION' ? 
r_nbtor_refined              410 0.307  0.200  ? 'X-RAY DIFFRACTION' ? 
r_xyhbond_nbd_refined        27  0.137  0.200  ? 'X-RAY DIFFRACTION' ? 
r_metal_ion_refined          3   0.325  0.200  ? 'X-RAY DIFFRACTION' ? 
r_symmetry_vdw_refined       21  0.436  0.200  ? 'X-RAY DIFFRACTION' ? 
r_symmetry_hbond_refined     1   0.088  0.200  ? 'X-RAY DIFFRACTION' ? 
r_symmetry_metal_ion_refined 3   0.320  0.200  ? 'X-RAY DIFFRACTION' ? 
r_mcbond_it                  402 0.924  1.500  ? 'X-RAY DIFFRACTION' ? 
r_mcangle_it                 631 1.708  2.000  ? 'X-RAY DIFFRACTION' ? 
r_scbond_it                  215 2.016  3.000  ? 'X-RAY DIFFRACTION' ? 
r_scangle_it                 199 3.122  4.500  ? 'X-RAY DIFFRACTION' ? 
# 
_refine_ls_shell.d_res_high                       2.400 
_refine_ls_shell.d_res_low                        2.461 
_refine_ls_shell.pdbx_total_number_of_bins_used   20 
_refine_ls_shell.percent_reflns_obs               100.000 
_refine_ls_shell.number_reflns_R_work             353 
_refine_ls_shell.R_factor_all                     ? 
_refine_ls_shell.R_factor_R_work                  0.349 
_refine_ls_shell.R_factor_R_free                  0.389 
_refine_ls_shell.percent_reflns_R_free            ? 
_refine_ls_shell.number_reflns_R_free             11 
_refine_ls_shell.R_factor_R_free_error            ? 
_refine_ls_shell.number_reflns_all                364 
_refine_ls_shell.number_reflns_obs                353 
_refine_ls_shell.redundancy_reflns_obs            ? 
_refine_ls_shell.pdbx_refine_id                   'X-RAY DIFFRACTION' 
# 
_struct.entry_id                  3E8V 
_struct.title                     
'Crystal structure of a possible transglutaminase-family protein proteolytic fragment from Bacteroides fragilis' 
_struct.pdbx_model_details        ? 
_struct.pdbx_CASP_flag            ? 
_struct.pdbx_model_type_details   ? 
# 
_struct_keywords.entry_id        3E8V 
_struct_keywords.text            
;STRUCTURAL GENOMICS, UNKNOWN FUNCTION, PSI-2, Protein Structure Initiative, New York SGX Research Center for Structural Genomics, NYSGXRC
;
_struct_keywords.pdbx_keywords   'structural genomics, unknown function' 
# 
loop_
_struct_asym.id 
_struct_asym.pdbx_blank_PDB_chainid_flag 
_struct_asym.pdbx_modified 
_struct_asym.entity_id 
_struct_asym.details 
A N N 1 ? 
B N N 2 ? 
C N N 3 ? 
# 
_struct_ref.id                         1 
_struct_ref.db_name                    UNP 
_struct_ref.db_code                    Q5LGG0_BACFN 
_struct_ref.pdbx_db_accession          Q5LGG0 
_struct_ref.entity_id                  1 
_struct_ref.pdbx_seq_one_letter_code   
;AKGSVLVTDAEGQPVADATVEFKVYNYAEFYTVATKHTDRSGHASLTAGKGDMLVWASKDGRFGYSKLSFGKDNELKITL
DK
;
_struct_ref.pdbx_align_begin           289 
_struct_ref.pdbx_db_isoform            ? 
# 
_struct_ref_seq.align_id                      1 
_struct_ref_seq.ref_id                        1 
_struct_ref_seq.pdbx_PDB_id_code              3E8V 
_struct_ref_seq.pdbx_strand_id                A 
_struct_ref_seq.seq_align_beg                 1 
_struct_ref_seq.pdbx_seq_align_beg_ins_code   ? 
_struct_ref_seq.seq_align_end                 82 
_struct_ref_seq.pdbx_seq_align_end_ins_code   ? 
_struct_ref_seq.pdbx_db_accession             Q5LGG0 
_struct_ref_seq.db_align_beg                  289 
_struct_ref_seq.pdbx_db_align_beg_ins_code    ? 
_struct_ref_seq.db_align_end                  370 
_struct_ref_seq.pdbx_db_align_end_ins_code    ? 
_struct_ref_seq.pdbx_auth_seq_align_beg       289 
_struct_ref_seq.pdbx_auth_seq_align_end       370 
# 
_pdbx_struct_assembly.id                   1 
_pdbx_struct_assembly.details              software_defined_assembly 
_pdbx_struct_assembly.method_details       PISA 
_pdbx_struct_assembly.oligomeric_details   monomeric 
_pdbx_struct_assembly.oligomeric_count     1 
# 
_pdbx_struct_assembly_gen.assembly_id       1 
_pdbx_struct_assembly_gen.oper_expression   1 
_pdbx_struct_assembly_gen.asym_id_list      A,B,C 
# 
_pdbx_struct_oper_list.id                   1 
_pdbx_struct_oper_list.type                 'identity operation' 
_pdbx_struct_oper_list.name                 1_555 
_pdbx_struct_oper_list.symmetry_operation   x,y,z 
_pdbx_struct_oper_list.matrix[1][1]         1.0000000000 
_pdbx_struct_oper_list.matrix[1][2]         0.0000000000 
_pdbx_struct_oper_list.matrix[1][3]         0.0000000000 
_pdbx_struct_oper_list.vector[1]            0.0000000000 
_pdbx_struct_oper_list.matrix[2][1]         0.0000000000 
_pdbx_struct_oper_list.matrix[2][2]         1.0000000000 
_pdbx_struct_oper_list.matrix[2][3]         0.0000000000 
_pdbx_struct_oper_list.vector[2]            0.0000000000 
_pdbx_struct_oper_list.matrix[3][1]         0.0000000000 
_pdbx_struct_oper_list.matrix[3][2]         0.0000000000 
_pdbx_struct_oper_list.matrix[3][3]         1.0000000000 
_pdbx_struct_oper_list.vector[3]            0.0000000000 
# 
_struct_biol.id        1 
_struct_biol.details   'authors state that the biological unit is probable dimer mediated by unknown ion.' 
# 
loop_
_struct_sheet.id 
_struct_sheet.type 
_struct_sheet.number_strands 
_struct_sheet.details 
A ? 3 ? 
B ? 4 ? 
# 
loop_
_struct_sheet_order.sheet_id 
_struct_sheet_order.range_id_1 
_struct_sheet_order.range_id_2 
_struct_sheet_order.offset 
_struct_sheet_order.sense 
A 1 2 ? anti-parallel 
A 2 3 ? parallel      
B 1 2 ? anti-parallel 
B 2 3 ? anti-parallel 
B 3 4 ? anti-parallel 
# 
loop_
_struct_sheet_range.sheet_id 
_struct_sheet_range.id 
_struct_sheet_range.beg_label_comp_id 
_struct_sheet_range.beg_label_asym_id 
_struct_sheet_range.beg_label_seq_id 
_struct_sheet_range.pdbx_beg_PDB_ins_code 
_struct_sheet_range.end_label_comp_id 
_struct_sheet_range.end_label_asym_id 
_struct_sheet_range.end_label_seq_id 
_struct_sheet_range.pdbx_end_PDB_ins_code 
_struct_sheet_range.beg_auth_comp_id 
_struct_sheet_range.beg_auth_asym_id 
_struct_sheet_range.beg_auth_seq_id 
_struct_sheet_range.end_auth_comp_id 
_struct_sheet_range.end_auth_asym_id 
_struct_sheet_range.end_auth_seq_id 
A 1 HIS A 43 ? THR A 47 ? HIS A 331 THR A 335 
A 2 LYS A 2  ? THR A 8  ? LYS A 290 THR A 296 
A 3 GLU A 75 ? THR A 79 ? GLU A 363 THR A 367 
B 1 GLU A 29 ? HIS A 37 ? GLU A 317 HIS A 325 
B 2 THR A 19 ? ASN A 26 ? THR A 307 ASN A 314 
B 3 GLY A 51 ? LYS A 59 ? GLY A 339 LYS A 347 
B 4 ARG A 62 ? PHE A 70 ? ARG A 350 PHE A 358 
# 
loop_
_pdbx_struct_sheet_hbond.sheet_id 
_pdbx_struct_sheet_hbond.range_id_1 
_pdbx_struct_sheet_hbond.range_id_2 
_pdbx_struct_sheet_hbond.range_1_label_atom_id 
_pdbx_struct_sheet_hbond.range_1_label_comp_id 
_pdbx_struct_sheet_hbond.range_1_label_asym_id 
_pdbx_struct_sheet_hbond.range_1_label_seq_id 
_pdbx_struct_sheet_hbond.range_1_PDB_ins_code 
_pdbx_struct_sheet_hbond.range_1_auth_atom_id 
_pdbx_struct_sheet_hbond.range_1_auth_comp_id 
_pdbx_struct_sheet_hbond.range_1_auth_asym_id 
_pdbx_struct_sheet_hbond.range_1_auth_seq_id 
_pdbx_struct_sheet_hbond.range_2_label_atom_id 
_pdbx_struct_sheet_hbond.range_2_label_comp_id 
_pdbx_struct_sheet_hbond.range_2_label_asym_id 
_pdbx_struct_sheet_hbond.range_2_label_seq_id 
_pdbx_struct_sheet_hbond.range_2_PDB_ins_code 
_pdbx_struct_sheet_hbond.range_2_auth_atom_id 
_pdbx_struct_sheet_hbond.range_2_auth_comp_id 
_pdbx_struct_sheet_hbond.range_2_auth_asym_id 
_pdbx_struct_sheet_hbond.range_2_auth_seq_id 
A 1 2 O ALA A 44 ? O ALA A 332 N VAL A 5  ? N VAL A 293 
A 2 3 N LEU A 6  ? N LEU A 294 O ILE A 78 ? O ILE A 366 
B 1 2 O LYS A 36 ? O LYS A 324 N VAL A 20 ? N VAL A 308 
B 2 3 N THR A 19 ? N THR A 307 O SER A 58 ? O SER A 346 
B 3 4 N GLY A 51 ? N GLY A 339 O PHE A 70 ? O PHE A 358 
# 
_struct_site.id                   AC1 
_struct_site.pdbx_evidence_code   Software 
_struct_site.pdbx_auth_asym_id    A 
_struct_site.pdbx_auth_comp_id    UNL 
_struct_site.pdbx_auth_seq_id     1 
_struct_site.pdbx_auth_ins_code   ? 
_struct_site.pdbx_num_residues    2 
_struct_site.details              'BINDING SITE FOR RESIDUE UNL A 1' 
# 
loop_
_struct_site_gen.id 
_struct_site_gen.site_id 
_struct_site_gen.pdbx_num_res 
_struct_site_gen.label_comp_id 
_struct_site_gen.label_asym_id 
_struct_site_gen.label_seq_id 
_struct_site_gen.pdbx_auth_ins_code 
_struct_site_gen.auth_comp_id 
_struct_site_gen.auth_asym_id 
_struct_site_gen.auth_seq_id 
_struct_site_gen.label_atom_id 
_struct_site_gen.label_alt_id 
_struct_site_gen.symmetry 
_struct_site_gen.details 
1 AC1 2 HIS A 43 ? HIS A 331 . ? 1_555 ? 
2 AC1 2 GLU A 75 ? GLU A 363 . ? 1_555 ? 
# 
_pdbx_validate_rmsd_angle.id                         1 
_pdbx_validate_rmsd_angle.PDB_model_num              1 
_pdbx_validate_rmsd_angle.auth_atom_id_1             CA 
_pdbx_validate_rmsd_angle.auth_asym_id_1             A 
_pdbx_validate_rmsd_angle.auth_comp_id_1             LEU 
_pdbx_validate_rmsd_angle.auth_seq_id_1              356 
_pdbx_validate_rmsd_angle.PDB_ins_code_1             ? 
_pdbx_validate_rmsd_angle.label_alt_id_1             ? 
_pdbx_validate_rmsd_angle.auth_atom_id_2             CB 
_pdbx_validate_rmsd_angle.auth_asym_id_2             A 
_pdbx_validate_rmsd_angle.auth_comp_id_2             LEU 
_pdbx_validate_rmsd_angle.auth_seq_id_2              356 
_pdbx_validate_rmsd_angle.PDB_ins_code_2             ? 
_pdbx_validate_rmsd_angle.label_alt_id_2             ? 
_pdbx_validate_rmsd_angle.auth_atom_id_3             CG 
_pdbx_validate_rmsd_angle.auth_asym_id_3             A 
_pdbx_validate_rmsd_angle.auth_comp_id_3             LEU 
_pdbx_validate_rmsd_angle.auth_seq_id_3              356 
_pdbx_validate_rmsd_angle.PDB_ins_code_3             ? 
_pdbx_validate_rmsd_angle.label_alt_id_3             ? 
_pdbx_validate_rmsd_angle.angle_value                129.69 
_pdbx_validate_rmsd_angle.angle_target_value         115.30 
_pdbx_validate_rmsd_angle.angle_deviation            14.39 
_pdbx_validate_rmsd_angle.angle_standard_deviation   2.30 
_pdbx_validate_rmsd_angle.linker_flag                N 
# 
_pdbx_validate_torsion.id              1 
_pdbx_validate_torsion.PDB_model_num   1 
_pdbx_validate_torsion.auth_comp_id    LEU 
_pdbx_validate_torsion.auth_asym_id    A 
_pdbx_validate_torsion.auth_seq_id     368 
_pdbx_validate_torsion.PDB_ins_code    ? 
_pdbx_validate_torsion.label_alt_id    ? 
_pdbx_validate_torsion.phi             -63.81 
_pdbx_validate_torsion.psi             71.99 
# 
_pdbx_SG_project.id                    1 
_pdbx_SG_project.project_name          'PSI, Protein Structure Initiative' 
_pdbx_SG_project.full_name_of_center   'New York SGX Research Center for Structural Genomics' 
_pdbx_SG_project.initial_of_center     NYSGXRC 
# 
_pdbx_struct_special_symmetry.id              1 
_pdbx_struct_special_symmetry.PDB_model_num   1 
_pdbx_struct_special_symmetry.auth_asym_id    A 
_pdbx_struct_special_symmetry.auth_comp_id    UNL 
_pdbx_struct_special_symmetry.auth_seq_id     1 
_pdbx_struct_special_symmetry.PDB_ins_code    ? 
_pdbx_struct_special_symmetry.label_asym_id   B 
_pdbx_struct_special_symmetry.label_comp_id   UNL 
_pdbx_struct_special_symmetry.label_seq_id    . 
# 
_pdbx_entry_details.entry_id                 3E8V 
_pdbx_entry_details.compound_details         ? 
_pdbx_entry_details.source_details           ? 
_pdbx_entry_details.nonpolymer_details       ? 
_pdbx_entry_details.sequence_details         
;AUTHORS STATE THAT THE CRYSTAL IS FORMED FROM A FRAGMENT OF 
A PROTEIN OF 847 AMINO ACIDS, AND IT IS UNKNOWN WHAT THE 
ACTUAL TERMINI ARE FOR THE CRYSTALLIZED FRAGMENT. THE WHOLE 
SEQUENCE OF 847 RESIDUES IS  
SLGELFAVFNEKLTIPEQEALMFLYAYMPTGDVTDYTGDYYLENVRLSDQARREMPWGKE
IPDDVFRHFVLPIRVNNENLDDSRRVFYNELKDRVKNLSLHDAVLEVNHWCHEKVIYTPS
DARTSAPLASVKTAYGRCGEESTFTVAALRSVGIPARQVYTPRWAHTDDNHAWVEAWVDG
KWYFFGACEPEPVLNLGWFNAPASRGMLMHTKVFGRYTGQEEIMYETPNYTEINVIDNYA
PTAKGSVLVTDAEGQPVADATVEFKVYNYAEFYTVATKHTDRSGHASLTAGKGDMLVWAS
KDGRFGYSKLSFGKDNELKITLDKNASETYSLPLDIVPPAEGANLPEVTPEQRTENDRRM
AQEDSIRNAYVATFITEEQARTFAKENKLDETETVRLLIASRGNHQTLTDFLSDAVKADK
AGQAISLLKVVSAKDLRDVSPEVLNDHLNNSGLPASEDFCSNVLNPRVANEMITPYKAFF
RKEIPASEAEAFRKNPQALVEWCKKEITINNELNSQRIPMSPMGVWKARVADEKSRNIFF
VSMARSLGIPAWIDEVTGKIQYRTFNDNNLKNGKVYDVDFEAAQQTQAPTGTLVARYRPI
PSLSDPKYYSHFTLSKFRNGTFQLLNYDEGDVDMGGGATWSNLLKNGARLDTGYYMMVTG
TRMASGAVLANVTFFTIEEGKTTTVDLVMRESKDQVQVIGNFNSESTYLPIGTSEPQSIL
QTCGRGYYVVAVLGAGQEPTNHALRDIAALSGEFEKWGRKMVLLFPSEEQYKKFRPSEFP
GLPSTITYGIDVDGAIQKQIAESMKLPNSTILPMFIIGDTFNRVVFVSQGYTIGLGEQLM
KVIHGEG
;
_pdbx_entry_details.has_ligand_of_interest   ? 
# 
loop_
_chem_comp_atom.comp_id 
_chem_comp_atom.atom_id 
_chem_comp_atom.type_symbol 
_chem_comp_atom.pdbx_aromatic_flag 
_chem_comp_atom.pdbx_stereo_config 
_chem_comp_atom.pdbx_ordinal 
ALA N    N N N 1   
ALA CA   C N S 2   
ALA C    C N N 3   
ALA O    O N N 4   
ALA CB   C N N 5   
ALA OXT  O N N 6   
ALA H    H N N 7   
ALA H2   H N N 8   
ALA HA   H N N 9   
ALA HB1  H N N 10  
ALA HB2  H N N 11  
ALA HB3  H N N 12  
ALA HXT  H N N 13  
ARG N    N N N 14  
ARG CA   C N S 15  
ARG C    C N N 16  
ARG O    O N N 17  
ARG CB   C N N 18  
ARG CG   C N N 19  
ARG CD   C N N 20  
ARG NE   N N N 21  
ARG CZ   C N N 22  
ARG NH1  N N N 23  
ARG NH2  N N N 24  
ARG OXT  O N N 25  
ARG H    H N N 26  
ARG H2   H N N 27  
ARG HA   H N N 28  
ARG HB2  H N N 29  
ARG HB3  H N N 30  
ARG HG2  H N N 31  
ARG HG3  H N N 32  
ARG HD2  H N N 33  
ARG HD3  H N N 34  
ARG HE   H N N 35  
ARG HH11 H N N 36  
ARG HH12 H N N 37  
ARG HH21 H N N 38  
ARG HH22 H N N 39  
ARG HXT  H N N 40  
ASN N    N N N 41  
ASN CA   C N S 42  
ASN C    C N N 43  
ASN O    O N N 44  
ASN CB   C N N 45  
ASN CG   C N N 46  
ASN OD1  O N N 47  
ASN ND2  N N N 48  
ASN OXT  O N N 49  
ASN H    H N N 50  
ASN H2   H N N 51  
ASN HA   H N N 52  
ASN HB2  H N N 53  
ASN HB3  H N N 54  
ASN HD21 H N N 55  
ASN HD22 H N N 56  
ASN HXT  H N N 57  
ASP N    N N N 58  
ASP CA   C N S 59  
ASP C    C N N 60  
ASP O    O N N 61  
ASP CB   C N N 62  
ASP CG   C N N 63  
ASP OD1  O N N 64  
ASP OD2  O N N 65  
ASP OXT  O N N 66  
ASP H    H N N 67  
ASP H2   H N N 68  
ASP HA   H N N 69  
ASP HB2  H N N 70  
ASP HB3  H N N 71  
ASP HD2  H N N 72  
ASP HXT  H N N 73  
GLN N    N N N 74  
GLN CA   C N S 75  
GLN C    C N N 76  
GLN O    O N N 77  
GLN CB   C N N 78  
GLN CG   C N N 79  
GLN CD   C N N 80  
GLN OE1  O N N 81  
GLN NE2  N N N 82  
GLN OXT  O N N 83  
GLN H    H N N 84  
GLN H2   H N N 85  
GLN HA   H N N 86  
GLN HB2  H N N 87  
GLN HB3  H N N 88  
GLN HG2  H N N 89  
GLN HG3  H N N 90  
GLN HE21 H N N 91  
GLN HE22 H N N 92  
GLN HXT  H N N 93  
GLU N    N N N 94  
GLU CA   C N S 95  
GLU C    C N N 96  
GLU O    O N N 97  
GLU CB   C N N 98  
GLU CG   C N N 99  
GLU CD   C N N 100 
GLU OE1  O N N 101 
GLU OE2  O N N 102 
GLU OXT  O N N 103 
GLU H    H N N 104 
GLU H2   H N N 105 
GLU HA   H N N 106 
GLU HB2  H N N 107 
GLU HB3  H N N 108 
GLU HG2  H N N 109 
GLU HG3  H N N 110 
GLU HE2  H N N 111 
GLU HXT  H N N 112 
GLY N    N N N 113 
GLY CA   C N N 114 
GLY C    C N N 115 
GLY O    O N N 116 
GLY OXT  O N N 117 
GLY H    H N N 118 
GLY H2   H N N 119 
GLY HA2  H N N 120 
GLY HA3  H N N 121 
GLY HXT  H N N 122 
HIS N    N N N 123 
HIS CA   C N S 124 
HIS C    C N N 125 
HIS O    O N N 126 
HIS CB   C N N 127 
HIS CG   C Y N 128 
HIS ND1  N Y N 129 
HIS CD2  C Y N 130 
HIS CE1  C Y N 131 
HIS NE2  N Y N 132 
HIS OXT  O N N 133 
HIS H    H N N 134 
HIS H2   H N N 135 
HIS HA   H N N 136 
HIS HB2  H N N 137 
HIS HB3  H N N 138 
HIS HD1  H N N 139 
HIS HD2  H N N 140 
HIS HE1  H N N 141 
HIS HE2  H N N 142 
HIS HXT  H N N 143 
HOH O    O N N 144 
HOH H1   H N N 145 
HOH H2   H N N 146 
ILE N    N N N 147 
ILE CA   C N S 148 
ILE C    C N N 149 
ILE O    O N N 150 
ILE CB   C N S 151 
ILE CG1  C N N 152 
ILE CG2  C N N 153 
ILE CD1  C N N 154 
ILE OXT  O N N 155 
ILE H    H N N 156 
ILE H2   H N N 157 
ILE HA   H N N 158 
ILE HB   H N N 159 
ILE HG12 H N N 160 
ILE HG13 H N N 161 
ILE HG21 H N N 162 
ILE HG22 H N N 163 
ILE HG23 H N N 164 
ILE HD11 H N N 165 
ILE HD12 H N N 166 
ILE HD13 H N N 167 
ILE HXT  H N N 168 
LEU N    N N N 169 
LEU CA   C N S 170 
LEU C    C N N 171 
LEU O    O N N 172 
LEU CB   C N N 173 
LEU CG   C N N 174 
LEU CD1  C N N 175 
LEU CD2  C N N 176 
LEU OXT  O N N 177 
LEU H    H N N 178 
LEU H2   H N N 179 
LEU HA   H N N 180 
LEU HB2  H N N 181 
LEU HB3  H N N 182 
LEU HG   H N N 183 
LEU HD11 H N N 184 
LEU HD12 H N N 185 
LEU HD13 H N N 186 
LEU HD21 H N N 187 
LEU HD22 H N N 188 
LEU HD23 H N N 189 
LEU HXT  H N N 190 
LYS N    N N N 191 
LYS CA   C N S 192 
LYS C    C N N 193 
LYS O    O N N 194 
LYS CB   C N N 195 
LYS CG   C N N 196 
LYS CD   C N N 197 
LYS CE   C N N 198 
LYS NZ   N N N 199 
LYS OXT  O N N 200 
LYS H    H N N 201 
LYS H2   H N N 202 
LYS HA   H N N 203 
LYS HB2  H N N 204 
LYS HB3  H N N 205 
LYS HG2  H N N 206 
LYS HG3  H N N 207 
LYS HD2  H N N 208 
LYS HD3  H N N 209 
LYS HE2  H N N 210 
LYS HE3  H N N 211 
LYS HZ1  H N N 212 
LYS HZ2  H N N 213 
LYS HZ3  H N N 214 
LYS HXT  H N N 215 
MET N    N N N 216 
MET CA   C N S 217 
MET C    C N N 218 
MET O    O N N 219 
MET CB   C N N 220 
MET CG   C N N 221 
MET SD   S N N 222 
MET CE   C N N 223 
MET OXT  O N N 224 
MET H    H N N 225 
MET H2   H N N 226 
MET HA   H N N 227 
MET HB2  H N N 228 
MET HB3  H N N 229 
MET HG2  H N N 230 
MET HG3  H N N 231 
MET HE1  H N N 232 
MET HE2  H N N 233 
MET HE3  H N N 234 
MET HXT  H N N 235 
PHE N    N N N 236 
PHE CA   C N S 237 
PHE C    C N N 238 
PHE O    O N N 239 
PHE CB   C N N 240 
PHE CG   C Y N 241 
PHE CD1  C Y N 242 
PHE CD2  C Y N 243 
PHE CE1  C Y N 244 
PHE CE2  C Y N 245 
PHE CZ   C Y N 246 
PHE OXT  O N N 247 
PHE H    H N N 248 
PHE H2   H N N 249 
PHE HA   H N N 250 
PHE HB2  H N N 251 
PHE HB3  H N N 252 
PHE HD1  H N N 253 
PHE HD2  H N N 254 
PHE HE1  H N N 255 
PHE HE2  H N N 256 
PHE HZ   H N N 257 
PHE HXT  H N N 258 
PRO N    N N N 259 
PRO CA   C N S 260 
PRO C    C N N 261 
PRO O    O N N 262 
PRO CB   C N N 263 
PRO CG   C N N 264 
PRO CD   C N N 265 
PRO OXT  O N N 266 
PRO H    H N N 267 
PRO HA   H N N 268 
PRO HB2  H N N 269 
PRO HB3  H N N 270 
PRO HG2  H N N 271 
PRO HG3  H N N 272 
PRO HD2  H N N 273 
PRO HD3  H N N 274 
PRO HXT  H N N 275 
SER N    N N N 276 
SER CA   C N S 277 
SER C    C N N 278 
SER O    O N N 279 
SER CB   C N N 280 
SER OG   O N N 281 
SER OXT  O N N 282 
SER H    H N N 283 
SER H2   H N N 284 
SER HA   H N N 285 
SER HB2  H N N 286 
SER HB3  H N N 287 
SER HG   H N N 288 
SER HXT  H N N 289 
THR N    N N N 290 
THR CA   C N S 291 
THR C    C N N 292 
THR O    O N N 293 
THR CB   C N R 294 
THR OG1  O N N 295 
THR CG2  C N N 296 
THR OXT  O N N 297 
THR H    H N N 298 
THR H2   H N N 299 
THR HA   H N N 300 
THR HB   H N N 301 
THR HG1  H N N 302 
THR HG21 H N N 303 
THR HG22 H N N 304 
THR HG23 H N N 305 
THR HXT  H N N 306 
TRP N    N N N 307 
TRP CA   C N S 308 
TRP C    C N N 309 
TRP O    O N N 310 
TRP CB   C N N 311 
TRP CG   C Y N 312 
TRP CD1  C Y N 313 
TRP CD2  C Y N 314 
TRP NE1  N Y N 315 
TRP CE2  C Y N 316 
TRP CE3  C Y N 317 
TRP CZ2  C Y N 318 
TRP CZ3  C Y N 319 
TRP CH2  C Y N 320 
TRP OXT  O N N 321 
TRP H    H N N 322 
TRP H2   H N N 323 
TRP HA   H N N 324 
TRP HB2  H N N 325 
TRP HB3  H N N 326 
TRP HD1  H N N 327 
TRP HE1  H N N 328 
TRP HE3  H N N 329 
TRP HZ2  H N N 330 
TRP HZ3  H N N 331 
TRP HH2  H N N 332 
TRP HXT  H N N 333 
TYR N    N N N 334 
TYR CA   C N S 335 
TYR C    C N N 336 
TYR O    O N N 337 
TYR CB   C N N 338 
TYR CG   C Y N 339 
TYR CD1  C Y N 340 
TYR CD2  C Y N 341 
TYR CE1  C Y N 342 
TYR CE2  C Y N 343 
TYR CZ   C Y N 344 
TYR OH   O N N 345 
TYR OXT  O N N 346 
TYR H    H N N 347 
TYR H2   H N N 348 
TYR HA   H N N 349 
TYR HB2  H N N 350 
TYR HB3  H N N 351 
TYR HD1  H N N 352 
TYR HD2  H N N 353 
TYR HE1  H N N 354 
TYR HE2  H N N 355 
TYR HH   H N N 356 
TYR HXT  H N N 357 
VAL N    N N N 358 
VAL CA   C N S 359 
VAL C    C N N 360 
VAL O    O N N 361 
VAL CB   C N N 362 
VAL CG1  C N N 363 
VAL CG2  C N N 364 
VAL OXT  O N N 365 
VAL H    H N N 366 
VAL H2   H N N 367 
VAL HA   H N N 368 
VAL HB   H N N 369 
VAL HG11 H N N 370 
VAL HG12 H N N 371 
VAL HG13 H N N 372 
VAL HG21 H N N 373 
VAL HG22 H N N 374 
VAL HG23 H N N 375 
VAL HXT  H N N 376 
# 
loop_
_chem_comp_bond.comp_id 
_chem_comp_bond.atom_id_1 
_chem_comp_bond.atom_id_2 
_chem_comp_bond.value_order 
_chem_comp_bond.pdbx_aromatic_flag 
_chem_comp_bond.pdbx_stereo_config 
_chem_comp_bond.pdbx_ordinal 
ALA N   CA   sing N N 1   
ALA N   H    sing N N 2   
ALA N   H2   sing N N 3   
ALA CA  C    sing N N 4   
ALA CA  CB   sing N N 5   
ALA CA  HA   sing N N 6   
ALA C   O    doub N N 7   
ALA C   OXT  sing N N 8   
ALA CB  HB1  sing N N 9   
ALA CB  HB2  sing N N 10  
ALA CB  HB3  sing N N 11  
ALA OXT HXT  sing N N 12  
ARG N   CA   sing N N 13  
ARG N   H    sing N N 14  
ARG N   H2   sing N N 15  
ARG CA  C    sing N N 16  
ARG CA  CB   sing N N 17  
ARG CA  HA   sing N N 18  
ARG C   O    doub N N 19  
ARG C   OXT  sing N N 20  
ARG CB  CG   sing N N 21  
ARG CB  HB2  sing N N 22  
ARG CB  HB3  sing N N 23  
ARG CG  CD   sing N N 24  
ARG CG  HG2  sing N N 25  
ARG CG  HG3  sing N N 26  
ARG CD  NE   sing N N 27  
ARG CD  HD2  sing N N 28  
ARG CD  HD3  sing N N 29  
ARG NE  CZ   sing N N 30  
ARG NE  HE   sing N N 31  
ARG CZ  NH1  sing N N 32  
ARG CZ  NH2  doub N N 33  
ARG NH1 HH11 sing N N 34  
ARG NH1 HH12 sing N N 35  
ARG NH2 HH21 sing N N 36  
ARG NH2 HH22 sing N N 37  
ARG OXT HXT  sing N N 38  
ASN N   CA   sing N N 39  
ASN N   H    sing N N 40  
ASN N   H2   sing N N 41  
ASN CA  C    sing N N 42  
ASN CA  CB   sing N N 43  
ASN CA  HA   sing N N 44  
ASN C   O    doub N N 45  
ASN C   OXT  sing N N 46  
ASN CB  CG   sing N N 47  
ASN CB  HB2  sing N N 48  
ASN CB  HB3  sing N N 49  
ASN CG  OD1  doub N N 50  
ASN CG  ND2  sing N N 51  
ASN ND2 HD21 sing N N 52  
ASN ND2 HD22 sing N N 53  
ASN OXT HXT  sing N N 54  
ASP N   CA   sing N N 55  
ASP N   H    sing N N 56  
ASP N   H2   sing N N 57  
ASP CA  C    sing N N 58  
ASP CA  CB   sing N N 59  
ASP CA  HA   sing N N 60  
ASP C   O    doub N N 61  
ASP C   OXT  sing N N 62  
ASP CB  CG   sing N N 63  
ASP CB  HB2  sing N N 64  
ASP CB  HB3  sing N N 65  
ASP CG  OD1  doub N N 66  
ASP CG  OD2  sing N N 67  
ASP OD2 HD2  sing N N 68  
ASP OXT HXT  sing N N 69  
GLN N   CA   sing N N 70  
GLN N   H    sing N N 71  
GLN N   H2   sing N N 72  
GLN CA  C    sing N N 73  
GLN CA  CB   sing N N 74  
GLN CA  HA   sing N N 75  
GLN C   O    doub N N 76  
GLN C   OXT  sing N N 77  
GLN CB  CG   sing N N 78  
GLN CB  HB2  sing N N 79  
GLN CB  HB3  sing N N 80  
GLN CG  CD   sing N N 81  
GLN CG  HG2  sing N N 82  
GLN CG  HG3  sing N N 83  
GLN CD  OE1  doub N N 84  
GLN CD  NE2  sing N N 85  
GLN NE2 HE21 sing N N 86  
GLN NE2 HE22 sing N N 87  
GLN OXT HXT  sing N N 88  
GLU N   CA   sing N N 89  
GLU N   H    sing N N 90  
GLU N   H2   sing N N 91  
GLU CA  C    sing N N 92  
GLU CA  CB   sing N N 93  
GLU CA  HA   sing N N 94  
GLU C   O    doub N N 95  
GLU C   OXT  sing N N 96  
GLU CB  CG   sing N N 97  
GLU CB  HB2  sing N N 98  
GLU CB  HB3  sing N N 99  
GLU CG  CD   sing N N 100 
GLU CG  HG2  sing N N 101 
GLU CG  HG3  sing N N 102 
GLU CD  OE1  doub N N 103 
GLU CD  OE2  sing N N 104 
GLU OE2 HE2  sing N N 105 
GLU OXT HXT  sing N N 106 
GLY N   CA   sing N N 107 
GLY N   H    sing N N 108 
GLY N   H2   sing N N 109 
GLY CA  C    sing N N 110 
GLY CA  HA2  sing N N 111 
GLY CA  HA3  sing N N 112 
GLY C   O    doub N N 113 
GLY C   OXT  sing N N 114 
GLY OXT HXT  sing N N 115 
HIS N   CA   sing N N 116 
HIS N   H    sing N N 117 
HIS N   H2   sing N N 118 
HIS CA  C    sing N N 119 
HIS CA  CB   sing N N 120 
HIS CA  HA   sing N N 121 
HIS C   O    doub N N 122 
HIS C   OXT  sing N N 123 
HIS CB  CG   sing N N 124 
HIS CB  HB2  sing N N 125 
HIS CB  HB3  sing N N 126 
HIS CG  ND1  sing Y N 127 
HIS CG  CD2  doub Y N 128 
HIS ND1 CE1  doub Y N 129 
HIS ND1 HD1  sing N N 130 
HIS CD2 NE2  sing Y N 131 
HIS CD2 HD2  sing N N 132 
HIS CE1 NE2  sing Y N 133 
HIS CE1 HE1  sing N N 134 
HIS NE2 HE2  sing N N 135 
HIS OXT HXT  sing N N 136 
HOH O   H1   sing N N 137 
HOH O   H2   sing N N 138 
ILE N   CA   sing N N 139 
ILE N   H    sing N N 140 
ILE N   H2   sing N N 141 
ILE CA  C    sing N N 142 
ILE CA  CB   sing N N 143 
ILE CA  HA   sing N N 144 
ILE C   O    doub N N 145 
ILE C   OXT  sing N N 146 
ILE CB  CG1  sing N N 147 
ILE CB  CG2  sing N N 148 
ILE CB  HB   sing N N 149 
ILE CG1 CD1  sing N N 150 
ILE CG1 HG12 sing N N 151 
ILE CG1 HG13 sing N N 152 
ILE CG2 HG21 sing N N 153 
ILE CG2 HG22 sing N N 154 
ILE CG2 HG23 sing N N 155 
ILE CD1 HD11 sing N N 156 
ILE CD1 HD12 sing N N 157 
ILE CD1 HD13 sing N N 158 
ILE OXT HXT  sing N N 159 
LEU N   CA   sing N N 160 
LEU N   H    sing N N 161 
LEU N   H2   sing N N 162 
LEU CA  C    sing N N 163 
LEU CA  CB   sing N N 164 
LEU CA  HA   sing N N 165 
LEU C   O    doub N N 166 
LEU C   OXT  sing N N 167 
LEU CB  CG   sing N N 168 
LEU CB  HB2  sing N N 169 
LEU CB  HB3  sing N N 170 
LEU CG  CD1  sing N N 171 
LEU CG  CD2  sing N N 172 
LEU CG  HG   sing N N 173 
LEU CD1 HD11 sing N N 174 
LEU CD1 HD12 sing N N 175 
LEU CD1 HD13 sing N N 176 
LEU CD2 HD21 sing N N 177 
LEU CD2 HD22 sing N N 178 
LEU CD2 HD23 sing N N 179 
LEU OXT HXT  sing N N 180 
LYS N   CA   sing N N 181 
LYS N   H    sing N N 182 
LYS N   H2   sing N N 183 
LYS CA  C    sing N N 184 
LYS CA  CB   sing N N 185 
LYS CA  HA   sing N N 186 
LYS C   O    doub N N 187 
LYS C   OXT  sing N N 188 
LYS CB  CG   sing N N 189 
LYS CB  HB2  sing N N 190 
LYS CB  HB3  sing N N 191 
LYS CG  CD   sing N N 192 
LYS CG  HG2  sing N N 193 
LYS CG  HG3  sing N N 194 
LYS CD  CE   sing N N 195 
LYS CD  HD2  sing N N 196 
LYS CD  HD3  sing N N 197 
LYS CE  NZ   sing N N 198 
LYS CE  HE2  sing N N 199 
LYS CE  HE3  sing N N 200 
LYS NZ  HZ1  sing N N 201 
LYS NZ  HZ2  sing N N 202 
LYS NZ  HZ3  sing N N 203 
LYS OXT HXT  sing N N 204 
MET N   CA   sing N N 205 
MET N   H    sing N N 206 
MET N   H2   sing N N 207 
MET CA  C    sing N N 208 
MET CA  CB   sing N N 209 
MET CA  HA   sing N N 210 
MET C   O    doub N N 211 
MET C   OXT  sing N N 212 
MET CB  CG   sing N N 213 
MET CB  HB2  sing N N 214 
MET CB  HB3  sing N N 215 
MET CG  SD   sing N N 216 
MET CG  HG2  sing N N 217 
MET CG  HG3  sing N N 218 
MET SD  CE   sing N N 219 
MET CE  HE1  sing N N 220 
MET CE  HE2  sing N N 221 
MET CE  HE3  sing N N 222 
MET OXT HXT  sing N N 223 
PHE N   CA   sing N N 224 
PHE N   H    sing N N 225 
PHE N   H2   sing N N 226 
PHE CA  C    sing N N 227 
PHE CA  CB   sing N N 228 
PHE CA  HA   sing N N 229 
PHE C   O    doub N N 230 
PHE C   OXT  sing N N 231 
PHE CB  CG   sing N N 232 
PHE CB  HB2  sing N N 233 
PHE CB  HB3  sing N N 234 
PHE CG  CD1  doub Y N 235 
PHE CG  CD2  sing Y N 236 
PHE CD1 CE1  sing Y N 237 
PHE CD1 HD1  sing N N 238 
PHE CD2 CE2  doub Y N 239 
PHE CD2 HD2  sing N N 240 
PHE CE1 CZ   doub Y N 241 
PHE CE1 HE1  sing N N 242 
PHE CE2 CZ   sing Y N 243 
PHE CE2 HE2  sing N N 244 
PHE CZ  HZ   sing N N 245 
PHE OXT HXT  sing N N 246 
PRO N   CA   sing N N 247 
PRO N   CD   sing N N 248 
PRO N   H    sing N N 249 
PRO CA  C    sing N N 250 
PRO CA  CB   sing N N 251 
PRO CA  HA   sing N N 252 
PRO C   O    doub N N 253 
PRO C   OXT  sing N N 254 
PRO CB  CG   sing N N 255 
PRO CB  HB2  sing N N 256 
PRO CB  HB3  sing N N 257 
PRO CG  CD   sing N N 258 
PRO CG  HG2  sing N N 259 
PRO CG  HG3  sing N N 260 
PRO CD  HD2  sing N N 261 
PRO CD  HD3  sing N N 262 
PRO OXT HXT  sing N N 263 
SER N   CA   sing N N 264 
SER N   H    sing N N 265 
SER N   H2   sing N N 266 
SER CA  C    sing N N 267 
SER CA  CB   sing N N 268 
SER CA  HA   sing N N 269 
SER C   O    doub N N 270 
SER C   OXT  sing N N 271 
SER CB  OG   sing N N 272 
SER CB  HB2  sing N N 273 
SER CB  HB3  sing N N 274 
SER OG  HG   sing N N 275 
SER OXT HXT  sing N N 276 
THR N   CA   sing N N 277 
THR N   H    sing N N 278 
THR N   H2   sing N N 279 
THR CA  C    sing N N 280 
THR CA  CB   sing N N 281 
THR CA  HA   sing N N 282 
THR C   O    doub N N 283 
THR C   OXT  sing N N 284 
THR CB  OG1  sing N N 285 
THR CB  CG2  sing N N 286 
THR CB  HB   sing N N 287 
THR OG1 HG1  sing N N 288 
THR CG2 HG21 sing N N 289 
THR CG2 HG22 sing N N 290 
THR CG2 HG23 sing N N 291 
THR OXT HXT  sing N N 292 
TRP N   CA   sing N N 293 
TRP N   H    sing N N 294 
TRP N   H2   sing N N 295 
TRP CA  C    sing N N 296 
TRP CA  CB   sing N N 297 
TRP CA  HA   sing N N 298 
TRP C   O    doub N N 299 
TRP C   OXT  sing N N 300 
TRP CB  CG   sing N N 301 
TRP CB  HB2  sing N N 302 
TRP CB  HB3  sing N N 303 
TRP CG  CD1  doub Y N 304 
TRP CG  CD2  sing Y N 305 
TRP CD1 NE1  sing Y N 306 
TRP CD1 HD1  sing N N 307 
TRP CD2 CE2  doub Y N 308 
TRP CD2 CE3  sing Y N 309 
TRP NE1 CE2  sing Y N 310 
TRP NE1 HE1  sing N N 311 
TRP CE2 CZ2  sing Y N 312 
TRP CE3 CZ3  doub Y N 313 
TRP CE3 HE3  sing N N 314 
TRP CZ2 CH2  doub Y N 315 
TRP CZ2 HZ2  sing N N 316 
TRP CZ3 CH2  sing Y N 317 
TRP CZ3 HZ3  sing N N 318 
TRP CH2 HH2  sing N N 319 
TRP OXT HXT  sing N N 320 
TYR N   CA   sing N N 321 
TYR N   H    sing N N 322 
TYR N   H2   sing N N 323 
TYR CA  C    sing N N 324 
TYR CA  CB   sing N N 325 
TYR CA  HA   sing N N 326 
TYR C   O    doub N N 327 
TYR C   OXT  sing N N 328 
TYR CB  CG   sing N N 329 
TYR CB  HB2  sing N N 330 
TYR CB  HB3  sing N N 331 
TYR CG  CD1  doub Y N 332 
TYR CG  CD2  sing Y N 333 
TYR CD1 CE1  sing Y N 334 
TYR CD1 HD1  sing N N 335 
TYR CD2 CE2  doub Y N 336 
TYR CD2 HD2  sing N N 337 
TYR CE1 CZ   doub Y N 338 
TYR CE1 HE1  sing N N 339 
TYR CE2 CZ   sing Y N 340 
TYR CE2 HE2  sing N N 341 
TYR CZ  OH   sing N N 342 
TYR OH  HH   sing N N 343 
TYR OXT HXT  sing N N 344 
VAL N   CA   sing N N 345 
VAL N   H    sing N N 346 
VAL N   H2   sing N N 347 
VAL CA  C    sing N N 348 
VAL CA  CB   sing N N 349 
VAL CA  HA   sing N N 350 
VAL C   O    doub N N 351 
VAL C   OXT  sing N N 352 
VAL CB  CG1  sing N N 353 
VAL CB  CG2  sing N N 354 
VAL CB  HB   sing N N 355 
VAL CG1 HG11 sing N N 356 
VAL CG1 HG12 sing N N 357 
VAL CG1 HG13 sing N N 358 
VAL CG2 HG21 sing N N 359 
VAL CG2 HG22 sing N N 360 
VAL CG2 HG23 sing N N 361 
VAL OXT HXT  sing N N 362 
# 
_atom_sites.entry_id                    3E8V 
_atom_sites.fract_transf_matrix[1][1]   -0.00664679 
_atom_sites.fract_transf_matrix[1][2]   -0.01009063 
_atom_sites.fract_transf_matrix[1][3]   0.00722873 
_atom_sites.fract_transf_matrix[2][1]   -0.01159013 
_atom_sites.fract_transf_matrix[2][2]   -0.00598694 
_atom_sites.fract_transf_matrix[2][3]   -0.00530093 
_atom_sites.fract_transf_matrix[3][1]   0.01741218 
_atom_sites.fract_transf_matrix[3][2]   -0.02141551 
_atom_sites.fract_transf_matrix[3][3]   -0.01388362 
_atom_sites.fract_transf_vector[1]      0.702781 
_atom_sites.fract_transf_vector[2]      0.531560 
_atom_sites.fract_transf_vector[3]      -0.069305 
# 
loop_
_atom_type.symbol 
BA 
C  
N  
O  
S  
# 
loop_
_atom_site.group_PDB 
_atom_site.id 
_atom_site.type_symbol 
_atom_site.label_atom_id 
_atom_site.label_alt_id 
_atom_site.label_comp_id 
_atom_site.label_asym_id 
_atom_site.label_entity_id 
_atom_site.label_seq_id 
_atom_site.pdbx_PDB_ins_code 
_atom_site.Cartn_x 
_atom_site.Cartn_y 
_atom_site.Cartn_z 
_atom_site.occupancy 
_atom_site.B_iso_or_equiv 
_atom_site.pdbx_formal_charge 
_atom_site.auth_seq_id 
_atom_site.auth_comp_id 
_atom_site.auth_asym_id 
_atom_site.auth_atom_id 
_atom_site.pdbx_PDB_model_num 
ATOM   1   N  N   . ALA A 1 1  ? 5.237   14.065  -2.931  1.00 42.23 ? 289 ALA A N   1 
ATOM   2   C  CA  . ALA A 1 1  ? 4.555   13.619  -4.186  1.00 42.14 ? 289 ALA A CA  1 
ATOM   3   C  C   . ALA A 1 1  ? 3.370   12.700  -3.898  1.00 41.78 ? 289 ALA A C   1 
ATOM   4   O  O   . ALA A 1 1  ? 2.979   12.510  -2.744  1.00 42.02 ? 289 ALA A O   1 
ATOM   5   C  CB  . ALA A 1 1  ? 5.552   12.946  -5.160  1.00 42.25 ? 289 ALA A CB  1 
ATOM   6   N  N   . LYS A 1 2  ? 2.793   12.145  -4.958  1.00 41.35 ? 290 LYS A N   1 
ATOM   7   C  CA  . LYS A 1 2  ? 1.646   11.264  -4.826  1.00 40.79 ? 290 LYS A CA  1 
ATOM   8   C  C   . LYS A 1 2  ? 2.085   9.832   -5.014  1.00 39.87 ? 290 LYS A C   1 
ATOM   9   O  O   . LYS A 1 2  ? 2.885   9.530   -5.911  1.00 39.69 ? 290 LYS A O   1 
ATOM   10  C  CB  . LYS A 1 2  ? 0.556   11.625  -5.844  1.00 41.48 ? 290 LYS A CB  1 
ATOM   11  C  CG  . LYS A 1 2  ? -0.644  10.682  -5.856  1.00 42.79 ? 290 LYS A CG  1 
ATOM   12  C  CD  . LYS A 1 2  ? -1.958  11.432  -5.941  1.00 47.05 ? 290 LYS A CD  1 
ATOM   13  C  CE  . LYS A 1 2  ? -3.071  10.549  -6.548  1.00 50.61 ? 290 LYS A CE  1 
ATOM   14  N  NZ  . LYS A 1 2  ? -2.701  10.032  -7.918  1.00 50.63 ? 290 LYS A NZ  1 
ATOM   15  N  N   . GLY A 1 3  ? 1.560   8.959   -4.157  1.00 38.42 ? 291 GLY A N   1 
ATOM   16  C  CA  . GLY A 1 3  ? 1.863   7.547   -4.230  1.00 37.06 ? 291 GLY A CA  1 
ATOM   17  C  C   . GLY A 1 3  ? 0.599   6.756   -4.385  1.00 35.91 ? 291 GLY A C   1 
ATOM   18  O  O   . GLY A 1 3  ? -0.290  6.859   -3.556  1.00 36.33 ? 291 GLY A O   1 
ATOM   19  N  N   . SER A 1 4  ? 0.526   5.975   -5.455  1.00 35.11 ? 292 SER A N   1 
ATOM   20  C  CA  . SER A 1 4  ? -0.638  5.131   -5.713  1.00 34.30 ? 292 SER A CA  1 
ATOM   21  C  C   . SER A 1 4  ? -0.359  3.663   -5.504  1.00 33.19 ? 292 SER A C   1 
ATOM   22  O  O   . SER A 1 4  ? 0.731   3.179   -5.818  1.00 32.70 ? 292 SER A O   1 
ATOM   23  C  CB  . SER A 1 4  ? -1.149  5.356   -7.137  1.00 34.64 ? 292 SER A CB  1 
ATOM   24  O  OG  . SER A 1 4  ? -1.857  6.568   -7.185  1.00 36.14 ? 292 SER A OG  1 
ATOM   25  N  N   . VAL A 1 5  ? -1.368  2.952   -5.010  1.00 32.96 ? 293 VAL A N   1 
ATOM   26  C  CA  . VAL A 1 5  ? -1.263  1.506   -4.759  1.00 33.04 ? 293 VAL A CA  1 
ATOM   27  C  C   . VAL A 1 5  ? -2.361  0.717   -5.489  1.00 32.82 ? 293 VAL A C   1 
ATOM   28  O  O   . VAL A 1 5  ? -3.518  1.049   -5.410  1.00 32.95 ? 293 VAL A O   1 
ATOM   29  C  CB  . VAL A 1 5  ? -1.289  1.202   -3.222  1.00 32.88 ? 293 VAL A CB  1 
ATOM   30  C  CG1 . VAL A 1 5  ? -1.225  -0.259  -2.957  1.00 32.23 ? 293 VAL A CG1 1 
ATOM   31  C  CG2 . VAL A 1 5  ? -0.122  1.854   -2.546  1.00 32.58 ? 293 VAL A CG2 1 
ATOM   32  N  N   . LEU A 1 6  ? -1.977  -0.325  -6.209  1.00 33.07 ? 294 LEU A N   1 
ATOM   33  C  CA  . LEU A 1 6  ? -2.937  -1.288  -6.743  1.00 33.22 ? 294 LEU A CA  1 
ATOM   34  C  C   . LEU A 1 6  ? -2.839  -2.604  -5.960  1.00 34.20 ? 294 LEU A C   1 
ATOM   35  O  O   . LEU A 1 6  ? -1.758  -3.209  -5.875  1.00 33.93 ? 294 LEU A O   1 
ATOM   36  C  CB  . LEU A 1 6  ? -2.672  -1.550  -8.235  1.00 32.32 ? 294 LEU A CB  1 
ATOM   37  C  CG  . LEU A 1 6  ? -3.429  -2.685  -8.927  1.00 30.87 ? 294 LEU A CG  1 
ATOM   38  C  CD1 . LEU A 1 6  ? -4.906  -2.416  -8.963  1.00 25.86 ? 294 LEU A CD1 1 
ATOM   39  C  CD2 . LEU A 1 6  ? -2.918  -2.878  -10.317 1.00 29.02 ? 294 LEU A CD2 1 
ATOM   40  N  N   . VAL A 1 7  ? -3.971  -3.038  -5.405  1.00 35.17 ? 295 VAL A N   1 
ATOM   41  C  CA  . VAL A 1 7  ? -4.041  -4.276  -4.644  1.00 35.81 ? 295 VAL A CA  1 
ATOM   42  C  C   . VAL A 1 7  ? -4.814  -5.326  -5.422  1.00 37.45 ? 295 VAL A C   1 
ATOM   43  O  O   . VAL A 1 7  ? -5.980  -5.122  -5.768  1.00 37.06 ? 295 VAL A O   1 
ATOM   44  C  CB  . VAL A 1 7  ? -4.732  -4.043  -3.284  1.00 35.76 ? 295 VAL A CB  1 
ATOM   45  C  CG1 . VAL A 1 7  ? -4.842  -5.336  -2.506  1.00 34.52 ? 295 VAL A CG1 1 
ATOM   46  C  CG2 . VAL A 1 7  ? -3.969  -3.021  -2.484  1.00 33.63 ? 295 VAL A CG2 1 
ATOM   47  N  N   . THR A 1 8  ? -4.161  -6.442  -5.712  1.00 39.17 ? 296 THR A N   1 
ATOM   48  C  CA  . THR A 1 8  ? -4.827  -7.547  -6.379  1.00 41.77 ? 296 THR A CA  1 
ATOM   49  C  C   . THR A 1 8  ? -4.690  -8.841  -5.572  1.00 43.81 ? 296 THR A C   1 
ATOM   50  O  O   . THR A 1 8  ? -3.847  -8.913  -4.679  1.00 44.19 ? 296 THR A O   1 
ATOM   51  C  CB  . THR A 1 8  ? -4.279  -7.783  -7.805  1.00 41.32 ? 296 THR A CB  1 
ATOM   52  O  OG1 . THR A 1 8  ? -2.884  -8.076  -7.746  1.00 41.69 ? 296 THR A OG1 1 
ATOM   53  C  CG2 . THR A 1 8  ? -4.526  -6.581  -8.701  1.00 41.11 ? 296 THR A CG2 1 
ATOM   54  N  N   . ASP A 1 9  ? -5.530  -9.842  -5.870  1.00 46.06 ? 297 ASP A N   1 
ATOM   55  C  CA  . ASP A 1 9  ? -5.377  -11.190 -5.302  1.00 48.18 ? 297 ASP A CA  1 
ATOM   56  C  C   . ASP A 1 9  ? -4.399  -11.964 -6.148  1.00 49.21 ? 297 ASP A C   1 
ATOM   57  O  O   . ASP A 1 9  ? -3.909  -11.432 -7.134  1.00 50.18 ? 297 ASP A O   1 
ATOM   58  C  CB  . ASP A 1 9  ? -6.717  -11.930 -5.200  1.00 48.73 ? 297 ASP A CB  1 
ATOM   59  C  CG  . ASP A 1 9  ? -7.416  -12.115 -6.554  1.00 50.68 ? 297 ASP A CG  1 
ATOM   60  O  OD1 . ASP A 1 9  ? -6.762  -12.468 -7.559  1.00 51.60 ? 297 ASP A OD1 1 
ATOM   61  O  OD2 . ASP A 1 9  ? -8.656  -11.926 -6.598  1.00 53.85 ? 297 ASP A OD2 1 
ATOM   62  N  N   . ALA A 1 10 ? -4.122  -13.216 -5.790  1.00 50.68 ? 298 ALA A N   1 
ATOM   63  C  CA  . ALA A 1 10 ? -3.091  -14.004 -6.485  1.00 51.80 ? 298 ALA A CA  1 
ATOM   64  C  C   . ALA A 1 10 ? -3.409  -14.298 -7.958  1.00 52.62 ? 298 ALA A C   1 
ATOM   65  O  O   . ALA A 1 10 ? -2.523  -14.702 -8.726  1.00 52.92 ? 298 ALA A O   1 
ATOM   66  C  CB  . ALA A 1 10 ? -2.799  -15.300 -5.720  1.00 51.98 ? 298 ALA A CB  1 
ATOM   67  N  N   . GLU A 1 11 ? -4.669  -14.092 -8.341  1.00 53.19 ? 299 GLU A N   1 
ATOM   68  C  CA  . GLU A 1 11 ? -5.134  -14.352 -9.704  1.00 53.86 ? 299 GLU A CA  1 
ATOM   69  C  C   . GLU A 1 11 ? -5.301  -13.031 -10.499 1.00 54.26 ? 299 GLU A C   1 
ATOM   70  O  O   . GLU A 1 11 ? -5.988  -12.989 -11.544 1.00 54.52 ? 299 GLU A O   1 
ATOM   71  C  CB  . GLU A 1 11 ? -6.440  -15.169 -9.671  1.00 54.24 ? 299 GLU A CB  1 
ATOM   72  N  N   . GLY A 1 12 ? -4.677  -11.960 -9.992  1.00 53.82 ? 300 GLY A N   1 
ATOM   73  C  CA  . GLY A 1 12 ? -4.546  -10.695 -10.712 1.00 52.59 ? 300 GLY A CA  1 
ATOM   74  C  C   . GLY A 1 12 ? -5.816  -9.892  -10.632 1.00 52.29 ? 300 GLY A C   1 
ATOM   75  O  O   . GLY A 1 12 ? -5.986  -8.881  -11.320 1.00 52.10 ? 300 GLY A O   1 
ATOM   76  N  N   . GLN A 1 13 ? -6.715  -10.335 -9.769  1.00 52.16 ? 301 GLN A N   1 
ATOM   77  C  CA  . GLN A 1 13 ? -7.995  -9.667  -9.611  1.00 52.21 ? 301 GLN A CA  1 
ATOM   78  C  C   . GLN A 1 13 ? -7.893  -8.542  -8.558  1.00 51.41 ? 301 GLN A C   1 
ATOM   79  O  O   . GLN A 1 13 ? -7.374  -8.754  -7.471  1.00 51.19 ? 301 GLN A O   1 
ATOM   80  C  CB  . GLN A 1 13 ? -9.088  -10.716 -9.286  1.00 52.43 ? 301 GLN A CB  1 
ATOM   81  C  CG  . GLN A 1 13 ? -10.537 -10.256 -9.480  1.00 53.79 ? 301 GLN A CG  1 
ATOM   82  C  CD  . GLN A 1 13 ? -10.938 -10.090 -10.945 1.00 54.79 ? 301 GLN A CD  1 
ATOM   83  O  OE1 . GLN A 1 13 ? -10.463 -10.808 -11.828 1.00 54.12 ? 301 GLN A OE1 1 
ATOM   84  N  NE2 . GLN A 1 13 ? -11.834 -9.144  -11.198 1.00 54.88 ? 301 GLN A NE2 1 
ATOM   85  N  N   . PRO A 1 14 ? -8.374  -7.336  -8.893  1.00 51.18 ? 302 PRO A N   1 
ATOM   86  C  CA  . PRO A 1 14 ? -8.361  -6.231  -7.944  1.00 50.88 ? 302 PRO A CA  1 
ATOM   87  C  C   . PRO A 1 14 ? -9.166  -6.528  -6.690  1.00 50.63 ? 302 PRO A C   1 
ATOM   88  O  O   . PRO A 1 14 ? -10.274 -7.062  -6.779  1.00 51.46 ? 302 PRO A O   1 
ATOM   89  C  CB  . PRO A 1 14 ? -9.038  -5.090  -8.723  1.00 50.70 ? 302 PRO A CB  1 
ATOM   90  C  CG  . PRO A 1 14 ? -9.825  -5.765  -9.788  1.00 50.87 ? 302 PRO A CG  1 
ATOM   91  C  CD  . PRO A 1 14 ? -8.957  -6.922  -10.184 1.00 51.34 ? 302 PRO A CD  1 
ATOM   92  N  N   . VAL A 1 15 ? -8.619  -6.163  -5.531  1.00 49.74 ? 303 VAL A N   1 
ATOM   93  C  CA  . VAL A 1 15 ? -9.316  -6.318  -4.271  1.00 47.89 ? 303 VAL A CA  1 
ATOM   94  C  C   . VAL A 1 15 ? -9.938  -4.996  -3.843  1.00 47.62 ? 303 VAL A C   1 
ATOM   95  O  O   . VAL A 1 15 ? -9.232  -4.025  -3.519  1.00 47.12 ? 303 VAL A O   1 
ATOM   96  C  CB  . VAL A 1 15 ? -8.408  -6.900  -3.189  1.00 47.58 ? 303 VAL A CB  1 
ATOM   97  C  CG1 . VAL A 1 15 ? -9.113  -6.893  -1.862  1.00 47.34 ? 303 VAL A CG1 1 
ATOM   98  C  CG2 . VAL A 1 15 ? -8.009  -8.319  -3.567  1.00 46.95 ? 303 VAL A CG2 1 
ATOM   99  N  N   . ALA A 1 16 ? -11.270 -4.959  -3.868  1.00 46.86 ? 304 ALA A N   1 
ATOM   100 C  CA  . ALA A 1 16 ? -11.998 -3.803  -3.384  1.00 46.37 ? 304 ALA A CA  1 
ATOM   101 C  C   . ALA A 1 16 ? -12.014 -3.798  -1.860  1.00 46.39 ? 304 ALA A C   1 
ATOM   102 O  O   . ALA A 1 16 ? -12.177 -4.838  -1.219  1.00 46.60 ? 304 ALA A O   1 
ATOM   103 C  CB  . ALA A 1 16 ? -13.405 -3.801  -3.925  1.00 46.35 ? 304 ALA A CB  1 
ATOM   104 N  N   . ASP A 1 17 ? -11.823 -2.614  -1.293  1.00 46.39 ? 305 ASP A N   1 
ATOM   105 C  CA  . ASP A 1 17 ? -11.898 -2.380  0.153   1.00 46.49 ? 305 ASP A CA  1 
ATOM   106 C  C   . ASP A 1 17 ? -10.832 -3.086  1.010   1.00 44.95 ? 305 ASP A C   1 
ATOM   107 O  O   . ASP A 1 17 ? -11.047 -3.328  2.201   1.00 45.09 ? 305 ASP A O   1 
ATOM   108 C  CB  . ASP A 1 17 ? -13.313 -2.647  0.683   1.00 47.70 ? 305 ASP A CB  1 
ATOM   109 C  CG  . ASP A 1 17 ? -13.743 -1.605  1.701   1.00 52.61 ? 305 ASP A CG  1 
ATOM   110 O  OD1 . ASP A 1 17 ? -13.851 -0.393  1.338   1.00 56.86 ? 305 ASP A OD1 1 
ATOM   111 O  OD2 . ASP A 1 17 ? -13.947 -1.995  2.878   1.00 57.06 ? 305 ASP A OD2 1 
ATOM   112 N  N   . ALA A 1 18 ? -9.691  -3.412  0.396   1.00 43.04 ? 306 ALA A N   1 
ATOM   113 C  CA  . ALA A 1 18 ? -8.500  -3.834  1.126   1.00 40.92 ? 306 ALA A CA  1 
ATOM   114 C  C   . ALA A 1 18 ? -7.988  -2.669  1.979   1.00 39.65 ? 306 ALA A C   1 
ATOM   115 O  O   . ALA A 1 18 ? -8.077  -1.499  1.570   1.00 39.53 ? 306 ALA A O   1 
ATOM   116 C  CB  . ALA A 1 18 ? -7.436  -4.296  0.173   1.00 40.83 ? 306 ALA A CB  1 
ATOM   117 N  N   . THR A 1 19 ? -7.507  -2.978  3.183   1.00 37.97 ? 307 THR A N   1 
ATOM   118 C  CA  . THR A 1 19 ? -6.890  -1.944  4.034   1.00 36.51 ? 307 THR A CA  1 
ATOM   119 C  C   . THR A 1 19 ? -5.452  -1.695  3.583   1.00 34.92 ? 307 THR A C   1 
ATOM   120 O  O   . THR A 1 19 ? -4.683  -2.640  3.343   1.00 33.92 ? 307 THR A O   1 
ATOM   121 C  CB  . THR A 1 19 ? -6.947  -2.314  5.532   1.00 36.66 ? 307 THR A CB  1 
ATOM   122 O  OG1 . THR A 1 19 ? -8.322  -2.465  5.918   1.00 37.48 ? 307 THR A OG1 1 
ATOM   123 C  CG2 . THR A 1 19 ? -6.344  -1.218  6.370   1.00 35.95 ? 307 THR A CG2 1 
ATOM   124 N  N   . VAL A 1 20 ? -5.115  -0.424  3.414   1.00 33.28 ? 308 VAL A N   1 
ATOM   125 C  CA  . VAL A 1 20 ? -3.777  -0.069  2.978   1.00 32.25 ? 308 VAL A CA  1 
ATOM   126 C  C   . VAL A 1 20 ? -3.155  0.906   3.960   1.00 31.94 ? 308 VAL A C   1 
ATOM   127 O  O   . VAL A 1 20 ? -3.573  2.057   4.049   1.00 32.08 ? 308 VAL A O   1 
ATOM   128 C  CB  . VAL A 1 20 ? -3.750  0.515   1.554   1.00 31.96 ? 308 VAL A CB  1 
ATOM   129 C  CG1 . VAL A 1 20 ? -2.313  0.770   1.116   1.00 32.24 ? 308 VAL A CG1 1 
ATOM   130 C  CG2 . VAL A 1 20 ? -4.391  -0.431  0.601   1.00 31.42 ? 308 VAL A CG2 1 
ATOM   131 N  N   . GLU A 1 21 ? -2.156  0.421   4.693   1.00 31.11 ? 309 GLU A N   1 
ATOM   132 C  CA  . GLU A 1 21 ? -1.396  1.223   5.644   1.00 30.45 ? 309 GLU A CA  1 
ATOM   133 C  C   . GLU A 1 21 ? -0.057  1.669   5.033   1.00 29.57 ? 309 GLU A C   1 
ATOM   134 O  O   . GLU A 1 21 ? 0.644   0.875   4.406   1.00 29.50 ? 309 GLU A O   1 
ATOM   135 C  CB  . GLU A 1 21 ? -1.165  0.415   6.919   1.00 30.59 ? 309 GLU A CB  1 
ATOM   136 C  CG  . GLU A 1 21 ? -2.449  -0.050  7.550   1.00 32.55 ? 309 GLU A CG  1 
ATOM   137 C  CD  . GLU A 1 21 ? -2.249  -1.147  8.548   1.00 36.79 ? 309 GLU A CD  1 
ATOM   138 O  OE1 . GLU A 1 21 ? -2.491  -0.915  9.739   1.00 41.46 ? 309 GLU A OE1 1 
ATOM   139 O  OE2 . GLU A 1 21 ? -1.866  -2.258  8.162   1.00 40.97 ? 309 GLU A OE2 1 
ATOM   140 N  N   . PHE A 1 22 ? 0.254   2.949   5.181   1.00 27.83 ? 310 PHE A N   1 
ATOM   141 C  CA  . PHE A 1 22 ? 1.507   3.487   4.760   1.00 26.71 ? 310 PHE A CA  1 
ATOM   142 C  C   . PHE A 1 22 ? 2.339   3.771   6.018   1.00 26.49 ? 310 PHE A C   1 
ATOM   143 O  O   . PHE A 1 22 ? 1.904   4.490   6.880   1.00 26.69 ? 310 PHE A O   1 
ATOM   144 C  CB  . PHE A 1 22 ? 1.269   4.787   4.005   1.00 26.96 ? 310 PHE A CB  1 
ATOM   145 C  CG  . PHE A 1 22 ? 0.444   4.638   2.762   1.00 24.71 ? 310 PHE A CG  1 
ATOM   146 C  CD1 . PHE A 1 22 ? 1.055   4.646   1.521   1.00 22.81 ? 310 PHE A CD1 1 
ATOM   147 C  CD2 . PHE A 1 22 ? -0.959  4.549   2.841   1.00 25.49 ? 310 PHE A CD2 1 
ATOM   148 C  CE1 . PHE A 1 22 ? 0.298   4.523   0.361   1.00 24.00 ? 310 PHE A CE1 1 
ATOM   149 C  CE2 . PHE A 1 22 ? -1.737  4.438   1.703   1.00 24.62 ? 310 PHE A CE2 1 
ATOM   150 C  CZ  . PHE A 1 22 ? -1.115  4.430   0.453   1.00 24.22 ? 310 PHE A CZ  1 
ATOM   151 N  N   . LYS A 1 23 ? 3.527   3.182   6.116   1.00 26.21 ? 311 LYS A N   1 
ATOM   152 C  CA  . LYS A 1 23 ? 4.347   3.244   7.311   1.00 25.58 ? 311 LYS A CA  1 
ATOM   153 C  C   . LYS A 1 23 ? 5.741   3.801   7.056   1.00 25.57 ? 311 LYS A C   1 
ATOM   154 O  O   . LYS A 1 23 ? 6.344   3.543   6.022   1.00 26.14 ? 311 LYS A O   1 
ATOM   155 C  CB  . LYS A 1 23 ? 4.499   1.853   7.903   1.00 25.75 ? 311 LYS A CB  1 
ATOM   156 C  CG  . LYS A 1 23 ? 3.292   0.958   7.769   1.00 25.03 ? 311 LYS A CG  1 
ATOM   157 C  CD  . LYS A 1 23 ? 3.313   -0.020  8.868   1.00 26.49 ? 311 LYS A CD  1 
ATOM   158 C  CE  . LYS A 1 23 ? 2.311   -1.072  8.646   1.00 29.72 ? 311 LYS A CE  1 
ATOM   159 N  NZ  . LYS A 1 23 ? 2.042   -1.722  9.955   1.00 31.68 ? 311 LYS A NZ  1 
ATOM   160 N  N   . VAL A 1 24 ? 6.254   4.534   8.038   1.00 25.75 ? 312 VAL A N   1 
ATOM   161 C  CA  . VAL A 1 24 ? 7.577   5.151   8.019   1.00 25.34 ? 312 VAL A CA  1 
ATOM   162 C  C   . VAL A 1 24 ? 8.490   4.455   9.043   1.00 25.56 ? 312 VAL A C   1 
ATOM   163 O  O   . VAL A 1 24 ? 8.062   4.146   10.142  1.00 26.36 ? 312 VAL A O   1 
ATOM   164 C  CB  . VAL A 1 24 ? 7.452   6.660   8.294   1.00 25.09 ? 312 VAL A CB  1 
ATOM   165 C  CG1 . VAL A 1 24 ? 8.827   7.363   8.356   1.00 24.81 ? 312 VAL A CG1 1 
ATOM   166 C  CG2 . VAL A 1 24 ? 6.624   7.292   7.207   1.00 23.82 ? 312 VAL A CG2 1 
ATOM   167 N  N   . TYR A 1 25 ? 9.730   4.184   8.663   1.00 25.70 ? 313 TYR A N   1 
ATOM   168 C  CA  . TYR A 1 25 ? 10.659  3.478   9.515   1.00 26.30 ? 313 TYR A CA  1 
ATOM   169 C  C   . TYR A 1 25 ? 11.264  4.468   10.515  1.00 26.64 ? 313 TYR A C   1 
ATOM   170 O  O   . TYR A 1 25 ? 11.734  5.519   10.113  1.00 26.85 ? 313 TYR A O   1 
ATOM   171 C  CB  . TYR A 1 25 ? 11.749  2.855   8.630   1.00 26.82 ? 313 TYR A CB  1 
ATOM   172 C  CG  . TYR A 1 25 ? 12.752  1.974   9.356   1.00 27.33 ? 313 TYR A CG  1 
ATOM   173 C  CD1 . TYR A 1 25 ? 12.392  0.735   9.866   1.00 27.49 ? 313 TYR A CD1 1 
ATOM   174 C  CD2 . TYR A 1 25 ? 14.060  2.381   9.518   1.00 27.48 ? 313 TYR A CD2 1 
ATOM   175 C  CE1 . TYR A 1 25 ? 13.308  -0.065  10.528  1.00 28.96 ? 313 TYR A CE1 1 
ATOM   176 C  CE2 . TYR A 1 25 ? 14.985  1.593   10.188  1.00 29.83 ? 313 TYR A CE2 1 
ATOM   177 C  CZ  . TYR A 1 25 ? 14.614  0.365   10.689  1.00 29.75 ? 313 TYR A CZ  1 
ATOM   178 O  OH  . TYR A 1 25 ? 15.569  -0.442  11.338  1.00 31.40 ? 313 TYR A OH  1 
ATOM   179 N  N   . ASN A 1 26 ? 11.190  4.162   11.810  1.00 26.44 ? 314 ASN A N   1 
ATOM   180 C  CA  . ASN A 1 26 ? 11.778  4.983   12.861  1.00 26.50 ? 314 ASN A CA  1 
ATOM   181 C  C   . ASN A 1 26 ? 12.073  4.080   14.008  1.00 26.99 ? 314 ASN A C   1 
ATOM   182 O  O   . ASN A 1 26 ? 11.286  3.186   14.310  1.00 26.45 ? 314 ASN A O   1 
ATOM   183 C  CB  . ASN A 1 26 ? 10.818  6.019   13.434  1.00 26.60 ? 314 ASN A CB  1 
ATOM   184 C  CG  . ASN A 1 26 ? 10.507  7.138   12.479  1.00 29.16 ? 314 ASN A CG  1 
ATOM   185 O  OD1 . ASN A 1 26 ? 11.387  7.943   12.130  1.00 29.32 ? 314 ASN A OD1 1 
ATOM   186 N  ND2 . ASN A 1 26 ? 9.222   7.197   12.034  1.00 29.45 ? 314 ASN A ND2 1 
ATOM   187 N  N   . TYR A 1 27 ? 13.193  4.345   14.679  1.00 27.53 ? 315 TYR A N   1 
ATOM   188 C  CA  . TYR A 1 27 ? 13.587  3.593   15.842  1.00 27.67 ? 315 TYR A CA  1 
ATOM   189 C  C   . TYR A 1 27 ? 13.418  2.105   15.634  1.00 27.74 ? 315 TYR A C   1 
ATOM   190 O  O   . TYR A 1 27 ? 12.807  1.436   16.442  1.00 28.07 ? 315 TYR A O   1 
ATOM   191 C  CB  . TYR A 1 27 ? 12.796  4.090   17.047  1.00 28.54 ? 315 TYR A CB  1 
ATOM   192 C  CG  . TYR A 1 27 ? 13.135  5.521   17.417  1.00 28.34 ? 315 TYR A CG  1 
ATOM   193 C  CD1 . TYR A 1 27 ? 14.397  5.862   17.883  1.00 29.71 ? 315 TYR A CD1 1 
ATOM   194 C  CD2 . TYR A 1 27 ? 12.196  6.517   17.300  1.00 30.99 ? 315 TYR A CD2 1 
ATOM   195 C  CE1 . TYR A 1 27 ? 14.719  7.182   18.234  1.00 32.55 ? 315 TYR A CE1 1 
ATOM   196 C  CE2 . TYR A 1 27 ? 12.498  7.846   17.641  1.00 32.51 ? 315 TYR A CE2 1 
ATOM   197 C  CZ  . TYR A 1 27 ? 13.760  8.177   18.114  1.00 33.61 ? 315 TYR A CZ  1 
ATOM   198 O  OH  . TYR A 1 27 ? 14.035  9.502   18.467  1.00 33.01 ? 315 TYR A OH  1 
ATOM   199 N  N   . ALA A 1 28 ? 13.962  1.602   14.527  1.00 28.34 ? 316 ALA A N   1 
ATOM   200 C  CA  . ALA A 1 28 ? 13.920  0.171   14.184  1.00 28.38 ? 316 ALA A CA  1 
ATOM   201 C  C   . ALA A 1 28 ? 12.566  -0.464  13.957  1.00 28.34 ? 316 ALA A C   1 
ATOM   202 O  O   . ALA A 1 28 ? 12.487  -1.683  13.897  1.00 29.16 ? 316 ALA A O   1 
ATOM   203 C  CB  . ALA A 1 28 ? 14.687  -0.653  15.217  1.00 29.11 ? 316 ALA A CB  1 
ATOM   204 N  N   . GLU A 1 29 ? 11.497  0.322   13.824  1.00 28.01 ? 317 GLU A N   1 
ATOM   205 C  CA  . GLU A 1 29 ? 10.163  -0.246  13.558  1.00 26.72 ? 317 GLU A CA  1 
ATOM   206 C  C   . GLU A 1 29 ? 9.435   0.608   12.547  1.00 25.65 ? 317 GLU A C   1 
ATOM   207 O  O   . GLU A 1 29 ? 9.921   1.658   12.208  1.00 26.32 ? 317 GLU A O   1 
ATOM   208 C  CB  . GLU A 1 29 ? 9.358   -0.374  14.850  1.00 26.25 ? 317 GLU A CB  1 
ATOM   209 C  CG  . GLU A 1 29 ? 9.801   -1.557  15.659  1.00 29.19 ? 317 GLU A CG  1 
ATOM   210 C  CD  . GLU A 1 29 ? 9.172   -1.612  17.033  1.00 32.02 ? 317 GLU A CD  1 
ATOM   211 O  OE1 . GLU A 1 29 ? 9.614   -0.876  17.944  1.00 31.18 ? 317 GLU A OE1 1 
ATOM   212 O  OE2 . GLU A 1 29 ? 8.228   -2.420  17.204  1.00 34.78 ? 317 GLU A OE2 1 
ATOM   213 N  N   . PHE A 1 30 ? 8.285   0.141   12.068  1.00 24.89 ? 318 PHE A N   1 
ATOM   214 C  CA  . PHE A 1 30 ? 7.454   0.868   11.116  1.00 23.88 ? 318 PHE A CA  1 
ATOM   215 C  C   . PHE A 1 30 ? 6.192   1.389   11.775  1.00 23.59 ? 318 PHE A C   1 
ATOM   216 O  O   . PHE A 1 30 ? 5.432   0.626   12.371  1.00 23.46 ? 318 PHE A O   1 
ATOM   217 C  CB  . PHE A 1 30 ? 7.084   -0.035  9.944   1.00 23.70 ? 318 PHE A CB  1 
ATOM   218 C  CG  . PHE A 1 30 ? 8.213   -0.284  9.004   1.00 22.31 ? 318 PHE A CG  1 
ATOM   219 C  CD1 . PHE A 1 30 ? 8.477   0.590   7.984   1.00 20.32 ? 318 PHE A CD1 1 
ATOM   220 C  CD2 . PHE A 1 30 ? 9.034   -1.385  9.164   1.00 23.06 ? 318 PHE A CD2 1 
ATOM   221 C  CE1 . PHE A 1 30 ? 9.515   0.386   7.128   1.00 20.99 ? 318 PHE A CE1 1 
ATOM   222 C  CE2 . PHE A 1 30 ? 10.086  -1.601  8.295   1.00 23.62 ? 318 PHE A CE2 1 
ATOM   223 C  CZ  . PHE A 1 30 ? 10.319  -0.709  7.274   1.00 21.85 ? 318 PHE A CZ  1 
ATOM   224 N  N   . TYR A 1 31 ? 5.966   2.691   11.645  1.00 23.20 ? 319 TYR A N   1 
ATOM   225 C  CA  . TYR A 1 31 ? 4.822   3.346   12.273  1.00 23.03 ? 319 TYR A CA  1 
ATOM   226 C  C   . TYR A 1 31 ? 3.827   3.794   11.224  1.00 23.87 ? 319 TYR A C   1 
ATOM   227 O  O   . TYR A 1 31 ? 4.178   4.533   10.331  1.00 23.52 ? 319 TYR A O   1 
ATOM   228 C  CB  . TYR A 1 31 ? 5.287   4.574   13.048  1.00 22.12 ? 319 TYR A CB  1 
ATOM   229 C  CG  . TYR A 1 31 ? 6.070   4.245   14.273  1.00 20.50 ? 319 TYR A CG  1 
ATOM   230 C  CD1 . TYR A 1 31 ? 5.469   4.277   15.540  1.00 21.81 ? 319 TYR A CD1 1 
ATOM   231 C  CD2 . TYR A 1 31 ? 7.411   3.896   14.183  1.00 18.71 ? 319 TYR A CD2 1 
ATOM   232 C  CE1 . TYR A 1 31 ? 6.202   3.959   16.698  1.00 21.16 ? 319 TYR A CE1 1 
ATOM   233 C  CE2 . TYR A 1 31 ? 8.166   3.593   15.330  1.00 20.07 ? 319 TYR A CE2 1 
ATOM   234 C  CZ  . TYR A 1 31 ? 7.552   3.631   16.571  1.00 22.40 ? 319 TYR A CZ  1 
ATOM   235 O  OH  . TYR A 1 31 ? 8.301   3.327   17.672  1.00 25.53 ? 319 TYR A OH  1 
ATOM   236 N  N   . THR A 1 32 ? 2.580   3.357   11.355  1.00 25.47 ? 320 THR A N   1 
ATOM   237 C  CA  . THR A 1 32 ? 1.537   3.697   10.421  1.00 27.04 ? 320 THR A CA  1 
ATOM   238 C  C   . THR A 1 32 ? 1.248   5.173   10.505  1.00 28.77 ? 320 THR A C   1 
ATOM   239 O  O   . THR A 1 32 ? 1.004   5.723   11.586  1.00 29.56 ? 320 THR A O   1 
ATOM   240 C  CB  . THR A 1 32 ? 0.266   2.934   10.704  1.00 26.78 ? 320 THR A CB  1 
ATOM   241 O  OG1 . THR A 1 32 ? 0.524   1.537   10.616  1.00 27.03 ? 320 THR A OG1 1 
ATOM   242 C  CG2 . THR A 1 32 ? -0.794  3.289   9.708   1.00 27.84 ? 320 THR A CG2 1 
ATOM   243 N  N   . VAL A 1 33 ? 1.245   5.798   9.337   1.00 30.10 ? 321 VAL A N   1 
ATOM   244 C  CA  . VAL A 1 33 ? 1.107   7.226   9.202   1.00 31.64 ? 321 VAL A CA  1 
ATOM   245 C  C   . VAL A 1 33 ? -0.233  7.605   8.475   1.00 32.75 ? 321 VAL A C   1 
ATOM   246 O  O   . VAL A 1 33 ? -0.782  8.706   8.665   1.00 32.93 ? 321 VAL A O   1 
ATOM   247 C  CB  . VAL A 1 33 ? 2.382   7.724   8.512   1.00 32.15 ? 321 VAL A CB  1 
ATOM   248 C  CG1 . VAL A 1 33 ? 2.121   8.853   7.579   1.00 34.42 ? 321 VAL A CG1 1 
ATOM   249 C  CG2 . VAL A 1 33 ? 3.417   8.082   9.579   1.00 31.61 ? 321 VAL A CG2 1 
ATOM   250 N  N   . ALA A 1 34 ? -0.754  6.679   7.669   1.00 32.97 ? 322 ALA A N   1 
ATOM   251 C  CA  . ALA A 1 34 ? -2.031  6.834   7.001   1.00 33.42 ? 322 ALA A CA  1 
ATOM   252 C  C   . ALA A 1 34 ? -2.605  5.458   6.757   1.00 34.02 ? 322 ALA A C   1 
ATOM   253 O  O   . ALA A 1 34 ? -1.876  4.485   6.653   1.00 34.60 ? 322 ALA A O   1 
ATOM   254 C  CB  . ALA A 1 34 ? -1.865  7.562   5.713   1.00 33.38 ? 322 ALA A CB  1 
ATOM   255 N  N   . THR A 1 35 ? -3.926  5.377   6.710   1.00 35.16 ? 323 THR A N   1 
ATOM   256 C  CA  . THR A 1 35 ? -4.643  4.127   6.469   1.00 35.61 ? 323 THR A CA  1 
ATOM   257 C  C   . THR A 1 35 ? -5.738  4.445   5.447   1.00 36.44 ? 323 THR A C   1 
ATOM   258 O  O   . THR A 1 35 ? -6.577  5.336   5.678   1.00 36.36 ? 323 THR A O   1 
ATOM   259 C  CB  . THR A 1 35 ? -5.250  3.539   7.755   1.00 35.47 ? 323 THR A CB  1 
ATOM   260 O  OG1 . THR A 1 35 ? -4.273  3.551   8.812   1.00 36.06 ? 323 THR A OG1 1 
ATOM   261 C  CG2 . THR A 1 35 ? -5.701  2.101   7.524   1.00 35.68 ? 323 THR A CG2 1 
ATOM   262 N  N   . LYS A 1 36 ? -5.672  3.759   4.301   1.00 36.70 ? 324 LYS A N   1 
ATOM   263 C  CA  . LYS A 1 36 ? -6.590  3.952   3.178   1.00 36.79 ? 324 LYS A CA  1 
ATOM   264 C  C   . LYS A 1 36 ? -7.301  2.648   2.892   1.00 37.41 ? 324 LYS A C   1 
ATOM   265 O  O   . LYS A 1 36 ? -6.845  1.587   3.305   1.00 37.88 ? 324 LYS A O   1 
ATOM   266 C  CB  . LYS A 1 36 ? -5.834  4.362   1.913   1.00 36.36 ? 324 LYS A CB  1 
ATOM   267 C  CG  . LYS A 1 36 ? -5.163  5.702   1.943   1.00 35.68 ? 324 LYS A CG  1 
ATOM   268 C  CD  . LYS A 1 36 ? -6.143  6.786   2.212   1.00 34.40 ? 324 LYS A CD  1 
ATOM   269 C  CE  . LYS A 1 36 ? -5.494  8.119   2.169   1.00 36.39 ? 324 LYS A CE  1 
ATOM   270 N  NZ  . LYS A 1 36 ? -6.286  9.029   3.012   1.00 40.60 ? 324 LYS A NZ  1 
ATOM   271 N  N   . HIS A 1 37 ? -8.410  2.719   2.166   1.00 38.63 ? 325 HIS A N   1 
ATOM   272 C  CA  . HIS A 1 37 ? -9.077  1.507   1.693   1.00 39.11 ? 325 HIS A CA  1 
ATOM   273 C  C   . HIS A 1 37 ? -9.209  1.567   0.176   1.00 38.88 ? 325 HIS A C   1 
ATOM   274 O  O   . HIS A 1 37 ? -9.464  2.617   -0.381  1.00 38.09 ? 325 HIS A O   1 
ATOM   275 C  CB  . HIS A 1 37 ? -10.423 1.341   2.396   1.00 39.61 ? 325 HIS A CB  1 
ATOM   276 C  CG  . HIS A 1 37 ? -10.301 1.086   3.868   1.00 40.64 ? 325 HIS A CG  1 
ATOM   277 N  ND1 . HIS A 1 37 ? -10.069 2.094   4.782   1.00 43.26 ? 325 HIS A ND1 1 
ATOM   278 C  CD2 . HIS A 1 37 ? -10.375 -0.063  4.583   1.00 42.01 ? 325 HIS A CD2 1 
ATOM   279 C  CE1 . HIS A 1 37 ? -9.997  1.576   5.998   1.00 43.02 ? 325 HIS A CE1 1 
ATOM   280 N  NE2 . HIS A 1 37 ? -10.174 0.268   5.903   1.00 43.47 ? 325 HIS A NE2 1 
ATOM   281 N  N   . THR A 1 38 ? -8.972  0.452   -0.496  1.00 39.49 ? 326 THR A N   1 
ATOM   282 C  CA  . THR A 1 38 ? -8.984  0.473   -1.942  1.00 40.55 ? 326 THR A CA  1 
ATOM   283 C  C   . THR A 1 38 ? -10.407 0.664   -2.452  1.00 41.84 ? 326 THR A C   1 
ATOM   284 O  O   . THR A 1 38 ? -11.360 0.192   -1.830  1.00 42.38 ? 326 THR A O   1 
ATOM   285 C  CB  . THR A 1 38 ? -8.430  -0.805  -2.537  1.00 40.29 ? 326 THR A CB  1 
ATOM   286 O  OG1 . THR A 1 38 ? -9.168  -1.906  -2.023  1.00 41.16 ? 326 THR A OG1 1 
ATOM   287 C  CG2 . THR A 1 38 ? -6.971  -0.982  -2.200  1.00 39.18 ? 326 THR A CG2 1 
ATOM   288 N  N   . ASP A 1 39 ? -10.547 1.368   -3.577  1.00 42.75 ? 327 ASP A N   1 
ATOM   289 C  CA  . ASP A 1 39 ? -11.846 1.533   -4.223  1.00 43.39 ? 327 ASP A CA  1 
ATOM   290 C  C   . ASP A 1 39 ? -12.208 0.291   -5.055  1.00 43.66 ? 327 ASP A C   1 
ATOM   291 O  O   . ASP A 1 39 ? -11.534 -0.732  -4.949  1.00 44.25 ? 327 ASP A O   1 
ATOM   292 C  CB  . ASP A 1 39 ? -11.875 2.819   -5.051  1.00 43.90 ? 327 ASP A CB  1 
ATOM   293 C  CG  . ASP A 1 39 ? -10.850 2.832   -6.175  1.00 44.30 ? 327 ASP A CG  1 
ATOM   294 O  OD1 . ASP A 1 39 ? -10.426 1.756   -6.639  1.00 46.05 ? 327 ASP A OD1 1 
ATOM   295 O  OD2 . ASP A 1 39 ? -10.493 3.942   -6.618  1.00 47.20 ? 327 ASP A OD2 1 
ATOM   296 N  N   . ARG A 1 40 ? -13.261 0.365   -5.873  1.00 43.56 ? 328 ARG A N   1 
ATOM   297 C  CA  . ARG A 1 40 ? -13.748 -0.823  -6.580  1.00 42.83 ? 328 ARG A CA  1 
ATOM   298 C  C   . ARG A 1 40 ? -12.738 -1.355  -7.586  1.00 42.45 ? 328 ARG A C   1 
ATOM   299 O  O   . ARG A 1 40 ? -12.867 -2.501  -8.041  1.00 42.24 ? 328 ARG A O   1 
ATOM   300 C  CB  . ARG A 1 40 ? -15.093 -0.545  -7.259  1.00 43.37 ? 328 ARG A CB  1 
ATOM   301 N  N   . SER A 1 41 ? -11.739 -0.528  -7.935  1.00 41.70 ? 329 SER A N   1 
ATOM   302 C  CA  . SER A 1 41 ? -10.672 -0.949  -8.876  1.00 41.06 ? 329 SER A CA  1 
ATOM   303 C  C   . SER A 1 41 ? -9.438  -1.544  -8.191  1.00 40.38 ? 329 SER A C   1 
ATOM   304 O  O   . SER A 1 41 ? -8.524  -2.053  -8.868  1.00 40.18 ? 329 SER A O   1 
ATOM   305 C  CB  . SER A 1 41 ? -10.279 0.174   -9.866  1.00 41.05 ? 329 SER A CB  1 
ATOM   306 O  OG  . SER A 1 41 ? -9.904  1.385   -9.226  1.00 41.86 ? 329 SER A OG  1 
ATOM   307 N  N   . GLY A 1 42 ? -9.422  -1.491  -6.853  1.00 39.25 ? 330 GLY A N   1 
ATOM   308 C  CA  . GLY A 1 42 ? -8.289  -1.985  -6.073  1.00 37.60 ? 330 GLY A CA  1 
ATOM   309 C  C   . GLY A 1 42 ? -7.201  -0.945  -5.862  1.00 36.56 ? 330 GLY A C   1 
ATOM   310 O  O   . GLY A 1 42 ? -6.069  -1.294  -5.541  1.00 36.79 ? 330 GLY A O   1 
ATOM   311 N  N   . HIS A 1 43 ? -7.557  0.329   -6.004  1.00 35.64 ? 331 HIS A N   1 
ATOM   312 C  CA  . HIS A 1 43 ? -6.604  1.435   -5.890  1.00 35.22 ? 331 HIS A CA  1 
ATOM   313 C  C   . HIS A 1 43 ? -6.737  2.232   -4.634  1.00 35.21 ? 331 HIS A C   1 
ATOM   314 O  O   . HIS A 1 43 ? -7.845  2.515   -4.175  1.00 35.57 ? 331 HIS A O   1 
ATOM   315 C  CB  . HIS A 1 43 ? -6.783  2.436   -7.032  1.00 35.19 ? 331 HIS A CB  1 
ATOM   316 C  CG  . HIS A 1 43 ? -6.209  1.962   -8.318  1.00 33.78 ? 331 HIS A CG  1 
ATOM   317 N  ND1 . HIS A 1 43 ? -6.942  1.246   -9.235  1.00 35.58 ? 331 HIS A ND1 1 
ATOM   318 C  CD2 . HIS A 1 43 ? -4.960  2.042   -8.810  1.00 35.32 ? 331 HIS A CD2 1 
ATOM   319 C  CE1 . HIS A 1 43 ? -6.169  0.911   -10.247 1.00 36.80 ? 331 HIS A CE1 1 
ATOM   320 N  NE2 . HIS A 1 43 ? -4.964  1.402   -10.025 1.00 36.70 ? 331 HIS A NE2 1 
ATOM   321 N  N   . ALA A 1 44 ? -5.593  2.651   -4.119  1.00 35.00 ? 332 ALA A N   1 
ATOM   322 C  CA  . ALA A 1 44 ? -5.532  3.619   -3.010  1.00 35.11 ? 332 ALA A CA  1 
ATOM   323 C  C   . ALA A 1 44 ? -4.332  4.536   -3.257  1.00 34.61 ? 332 ALA A C   1 
ATOM   324 O  O   . ALA A 1 44 ? -3.364  4.131   -3.893  1.00 34.39 ? 332 ALA A O   1 
ATOM   325 C  CB  . ALA A 1 44 ? -5.411  2.900   -1.651  1.00 34.84 ? 332 ALA A CB  1 
ATOM   326 N  N   . SER A 1 45 ? -4.415  5.761   -2.763  1.00 34.38 ? 333 SER A N   1 
ATOM   327 C  CA  . SER A 1 45 ? -3.432  6.776   -3.052  1.00 34.24 ? 333 SER A CA  1 
ATOM   328 C  C   . SER A 1 45 ? -3.138  7.517   -1.767  1.00 34.78 ? 333 SER A C   1 
ATOM   329 O  O   . SER A 1 45 ? -4.001  7.605   -0.876  1.00 34.82 ? 333 SER A O   1 
ATOM   330 C  CB  . SER A 1 45 ? -3.990  7.767   -4.089  1.00 33.63 ? 333 SER A CB  1 
ATOM   331 N  N   . LEU A 1 46 ? -1.926  8.059   -1.671  1.00 35.18 ? 334 LEU A N   1 
ATOM   332 C  CA  . LEU A 1 46 ? -1.555  8.969   -0.573  1.00 35.53 ? 334 LEU A CA  1 
ATOM   333 C  C   . LEU A 1 46 ? -0.682  10.085  -1.139  1.00 36.80 ? 334 LEU A C   1 
ATOM   334 O  O   . LEU A 1 46 ? 0.172   9.824   -1.985  1.00 37.19 ? 334 LEU A O   1 
ATOM   335 C  CB  . LEU A 1 46 ? -0.781  8.212   0.520   1.00 34.37 ? 334 LEU A CB  1 
ATOM   336 C  CG  . LEU A 1 46 ? -0.362  9.003   1.759   1.00 32.61 ? 334 LEU A CG  1 
ATOM   337 C  CD1 . LEU A 1 46 ? -1.561  9.328   2.620   1.00 27.50 ? 334 LEU A CD1 1 
ATOM   338 C  CD2 . LEU A 1 46 ? 0.744   8.314   2.591   1.00 30.33 ? 334 LEU A CD2 1 
ATOM   339 N  N   . THR A 1 47 ? -0.900  11.321  -0.706  1.00 38.49 ? 335 THR A N   1 
ATOM   340 C  CA  . THR A 1 47 ? 0.082   12.389  -0.977  1.00 40.29 ? 335 THR A CA  1 
ATOM   341 C  C   . THR A 1 47 ? 0.889   12.663  0.296   1.00 40.30 ? 335 THR A C   1 
ATOM   342 O  O   . THR A 1 47 ? 0.328   12.898  1.369   1.00 39.54 ? 335 THR A O   1 
ATOM   343 C  CB  . THR A 1 47 ? -0.595  13.660  -1.499  1.00 41.02 ? 335 THR A CB  1 
ATOM   344 O  OG1 . THR A 1 47 ? -1.480  13.296  -2.570  1.00 44.08 ? 335 THR A OG1 1 
ATOM   345 C  CG2 . THR A 1 47 ? 0.441   14.649  -2.035  1.00 42.40 ? 335 THR A CG2 1 
ATOM   346 N  N   . ALA A 1 48 ? 2.209   12.576  0.181   1.00 40.97 ? 336 ALA A N   1 
ATOM   347 C  CA  . ALA A 1 48 ? 3.071   12.720  1.342   1.00 41.98 ? 336 ALA A CA  1 
ATOM   348 C  C   . ALA A 1 48 ? 4.448   13.215  0.958   1.00 42.79 ? 336 ALA A C   1 
ATOM   349 O  O   . ALA A 1 48 ? 4.804   13.256  -0.237  1.00 42.79 ? 336 ALA A O   1 
ATOM   350 C  CB  . ALA A 1 48 ? 3.179   11.381  2.110   1.00 42.41 ? 336 ALA A CB  1 
ATOM   351 N  N   . GLY A 1 49 ? 5.225   13.596  1.978   1.00 43.53 ? 337 GLY A N   1 
ATOM   352 C  CA  . GLY A 1 49 ? 6.635   13.988  1.774   1.00 43.37 ? 337 GLY A CA  1 
ATOM   353 C  C   . GLY A 1 49 ? 7.369   12.914  0.985   1.00 42.82 ? 337 GLY A C   1 
ATOM   354 O  O   . GLY A 1 49 ? 7.100   11.730  1.174   1.00 43.42 ? 337 GLY A O   1 
ATOM   355 N  N   . LYS A 1 50 ? 8.256   13.330  0.080   1.00 41.84 ? 338 LYS A N   1 
ATOM   356 C  CA  . LYS A 1 50 ? 9.108   12.399  -0.636  1.00 41.60 ? 338 LYS A CA  1 
ATOM   357 C  C   . LYS A 1 50 ? 9.923   11.561  0.386   1.00 41.30 ? 338 LYS A C   1 
ATOM   358 O  O   . LYS A 1 50 ? 10.236  12.049  1.487   1.00 42.21 ? 338 LYS A O   1 
ATOM   359 C  CB  . LYS A 1 50 ? 9.999   13.146  -1.646  1.00 41.73 ? 338 LYS A CB  1 
ATOM   360 N  N   . GLY A 1 51 ? 10.231  10.303  0.052   1.00 39.80 ? 339 GLY A N   1 
ATOM   361 C  CA  . GLY A 1 51 ? 10.723  9.333   1.059   1.00 36.85 ? 339 GLY A CA  1 
ATOM   362 C  C   . GLY A 1 51 ? 10.111  7.941   0.908   1.00 34.97 ? 339 GLY A C   1 
ATOM   363 O  O   . GLY A 1 51 ? 9.128   7.760   0.185   1.00 34.69 ? 339 GLY A O   1 
ATOM   364 N  N   . ASP A 1 52 ? 10.709  6.965   1.588   1.00 32.61 ? 340 ASP A N   1 
ATOM   365 C  CA  . ASP A 1 52 ? 10.362  5.564   1.457   1.00 30.13 ? 340 ASP A CA  1 
ATOM   366 C  C   . ASP A 1 52 ? 9.317   5.213   2.488   1.00 28.82 ? 340 ASP A C   1 
ATOM   367 O  O   . ASP A 1 52 ? 9.484   5.510   3.673   1.00 28.25 ? 340 ASP A O   1 
ATOM   368 C  CB  . ASP A 1 52 ? 11.595  4.678   1.704   1.00 30.27 ? 340 ASP A CB  1 
ATOM   369 C  CG  . ASP A 1 52 ? 12.563  4.660   0.535   1.00 31.39 ? 340 ASP A CG  1 
ATOM   370 O  OD1 . ASP A 1 52 ? 12.176  4.915   -0.621  1.00 31.85 ? 340 ASP A OD1 1 
ATOM   371 O  OD2 . ASP A 1 52 ? 13.748  4.346   0.753   1.00 35.00 ? 340 ASP A OD2 1 
ATOM   372 N  N   . MET A 1 53 ? 8.232   4.582   2.058   1.00 27.36 ? 341 MET A N   1 
ATOM   373 C  CA  . MET A 1 53 ? 7.260   4.084   3.031   1.00 26.43 ? 341 MET A CA  1 
ATOM   374 C  C   . MET A 1 53 ? 7.104   2.625   2.794   1.00 25.25 ? 341 MET A C   1 
ATOM   375 O  O   . MET A 1 53 ? 7.232   2.199   1.653   1.00 24.97 ? 341 MET A O   1 
ATOM   376 C  CB  . MET A 1 53 ? 5.891   4.768   2.875   1.00 26.63 ? 341 MET A CB  1 
ATOM   377 C  CG  . MET A 1 53 ? 5.938   6.287   3.217   1.00 27.57 ? 341 MET A CG  1 
ATOM   378 S  SD  . MET A 1 53 ? 4.394   7.172   3.225   1.00 21.78 ? 341 MET A SD  1 
ATOM   379 C  CE  . MET A 1 53 ? 3.957   6.849   4.829   1.00 21.83 ? 341 MET A CE  1 
ATOM   380 N  N   . LEU A 1 54 ? 6.840   1.866   3.857   1.00 24.15 ? 342 LEU A N   1 
ATOM   381 C  CA  . LEU A 1 54 ? 6.357   0.490   3.717   1.00 23.38 ? 342 LEU A CA  1 
ATOM   382 C  C   . LEU A 1 54 ? 4.831   0.532   3.549   1.00 24.03 ? 342 LEU A C   1 
ATOM   383 O  O   . LEU A 1 54 ? 4.115   1.137   4.368   1.00 23.84 ? 342 LEU A O   1 
ATOM   384 C  CB  . LEU A 1 54 ? 6.763   -0.353  4.925   1.00 22.41 ? 342 LEU A CB  1 
ATOM   385 C  CG  . LEU A 1 54 ? 6.088   -1.713  5.160   1.00 22.54 ? 342 LEU A CG  1 
ATOM   386 C  CD1 . LEU A 1 54 ? 6.546   -2.793  4.193   1.00 19.70 ? 342 LEU A CD1 1 
ATOM   387 C  CD2 . LEU A 1 54 ? 6.323   -2.162  6.606   1.00 20.15 ? 342 LEU A CD2 1 
ATOM   388 N  N   . VAL A 1 55 ? 4.340   -0.062  2.472   1.00 24.21 ? 343 VAL A N   1 
ATOM   389 C  CA  . VAL A 1 55 ? 2.908   -0.102  2.245   1.00 24.97 ? 343 VAL A CA  1 
ATOM   390 C  C   . VAL A 1 55 ? 2.404   -1.507  2.623   1.00 26.07 ? 343 VAL A C   1 
ATOM   391 O  O   . VAL A 1 55 ? 2.922   -2.507  2.141   1.00 25.72 ? 343 VAL A O   1 
ATOM   392 C  CB  . VAL A 1 55 ? 2.564   0.245   0.769   1.00 25.08 ? 343 VAL A CB  1 
ATOM   393 C  CG1 . VAL A 1 55 ? 1.064   0.386   0.594   1.00 23.99 ? 343 VAL A CG1 1 
ATOM   394 C  CG2 . VAL A 1 55 ? 3.236   1.524   0.352   1.00 23.03 ? 343 VAL A CG2 1 
ATOM   395 N  N   . TRP A 1 56 ? 1.417   -1.590  3.503   1.00 27.42 ? 344 TRP A N   1 
ATOM   396 C  CA  . TRP A 1 56 ? 0.972   -2.884  4.003   1.00 29.23 ? 344 TRP A CA  1 
ATOM   397 C  C   . TRP A 1 56 ? -0.481  -3.033  3.630   1.00 29.94 ? 344 TRP A C   1 
ATOM   398 O  O   . TRP A 1 56 ? -1.319  -2.292  4.102   1.00 29.92 ? 344 TRP A O   1 
ATOM   399 C  CB  . TRP A 1 56 ? 1.188   -3.001  5.531   1.00 29.00 ? 344 TRP A CB  1 
ATOM   400 C  CG  . TRP A 1 56 ? 1.197   -4.428  6.039   1.00 30.46 ? 344 TRP A CG  1 
ATOM   401 C  CD1 . TRP A 1 56 ? 0.103   -5.208  6.302   1.00 31.29 ? 344 TRP A CD1 1 
ATOM   402 C  CD2 . TRP A 1 56 ? 2.345   -5.257  6.307   1.00 29.99 ? 344 TRP A CD2 1 
ATOM   403 N  NE1 . TRP A 1 56 ? 0.498   -6.459  6.706   1.00 31.38 ? 344 TRP A NE1 1 
ATOM   404 C  CE2 . TRP A 1 56 ? 1.866   -6.512  6.724   1.00 30.92 ? 344 TRP A CE2 1 
ATOM   405 C  CE3 . TRP A 1 56 ? 3.730   -5.061  6.222   1.00 32.81 ? 344 TRP A CE3 1 
ATOM   406 C  CZ2 . TRP A 1 56 ? 2.723   -7.560  7.087   1.00 33.29 ? 344 TRP A CZ2 1 
ATOM   407 C  CZ3 . TRP A 1 56 ? 4.589   -6.118  6.571   1.00 31.41 ? 344 TRP A CZ3 1 
ATOM   408 C  CH2 . TRP A 1 56 ? 4.084   -7.341  6.987   1.00 31.87 ? 344 TRP A CH2 1 
ATOM   409 N  N   . ALA A 1 57 ? -0.780  -3.975  2.754   1.00 31.82 ? 345 ALA A N   1 
ATOM   410 C  CA  . ALA A 1 57 ? -2.150  -4.117  2.278   1.00 33.45 ? 345 ALA A CA  1 
ATOM   411 C  C   . ALA A 1 57 ? -2.744  -5.386  2.842   1.00 34.96 ? 345 ALA A C   1 
ATOM   412 O  O   . ALA A 1 57 ? -2.095  -6.433  2.813   1.00 34.63 ? 345 ALA A O   1 
ATOM   413 C  CB  . ALA A 1 57 ? -2.197  -4.132  0.755   1.00 32.77 ? 345 ALA A CB  1 
ATOM   414 N  N   . SER A 1 58 ? -3.965  -5.288  3.368   1.00 37.15 ? 346 SER A N   1 
ATOM   415 C  CA  . SER A 1 58 ? -4.653  -6.472  3.882   1.00 39.72 ? 346 SER A CA  1 
ATOM   416 C  C   . SER A 1 58 ? -6.165  -6.527  3.637   1.00 41.43 ? 346 SER A C   1 
ATOM   417 O  O   . SER A 1 58 ? -6.857  -5.503  3.547   1.00 41.49 ? 346 SER A O   1 
ATOM   418 C  CB  . SER A 1 58 ? -4.319  -6.718  5.365   1.00 39.32 ? 346 SER A CB  1 
ATOM   419 O  OG  . SER A 1 58 ? -4.782  -5.662  6.178   1.00 39.52 ? 346 SER A OG  1 
ATOM   420 N  N   . LYS A 1 59 ? -6.662  -7.752  3.522   1.00 44.11 ? 347 LYS A N   1 
ATOM   421 C  CA  . LYS A 1 59 ? -8.098  -8.013  3.380   1.00 46.59 ? 347 LYS A CA  1 
ATOM   422 C  C   . LYS A 1 59 ? -8.368  -9.397  3.935   1.00 47.48 ? 347 LYS A C   1 
ATOM   423 O  O   . LYS A 1 59 ? -7.778  -10.390 3.454   1.00 47.98 ? 347 LYS A O   1 
ATOM   424 C  CB  . LYS A 1 59 ? -8.508  -7.958  1.902   1.00 46.84 ? 347 LYS A CB  1 
ATOM   425 C  CG  . LYS A 1 59 ? -9.968  -8.319  1.589   1.00 48.90 ? 347 LYS A CG  1 
ATOM   426 C  CD  . LYS A 1 59 ? -10.928 -7.203  1.919   1.00 51.19 ? 347 LYS A CD  1 
ATOM   427 C  CE  . LYS A 1 59 ? -12.240 -7.435  1.200   1.00 54.14 ? 347 LYS A CE  1 
ATOM   428 N  NZ  . LYS A 1 59 ? -13.133 -6.274  1.451   1.00 56.99 ? 347 LYS A NZ  1 
ATOM   429 N  N   . ASP A 1 60 ? -9.235  -9.445  4.955   1.00 48.82 ? 348 ASP A N   1 
ATOM   430 C  CA  . ASP A 1 60 ? -9.695  -10.705 5.578   1.00 49.44 ? 348 ASP A CA  1 
ATOM   431 C  C   . ASP A 1 60 ? -8.548  -11.678 5.854   1.00 49.12 ? 348 ASP A C   1 
ATOM   432 O  O   . ASP A 1 60 ? -8.570  -12.826 5.396   1.00 49.32 ? 348 ASP A O   1 
ATOM   433 C  CB  . ASP A 1 60 ? -10.759 -11.383 4.694   1.00 50.03 ? 348 ASP A CB  1 
ATOM   434 C  CG  . ASP A 1 60 ? -11.876 -10.422 4.265   1.00 51.57 ? 348 ASP A CG  1 
ATOM   435 O  OD1 . ASP A 1 60 ? -12.157 -9.451  5.017   1.00 51.55 ? 348 ASP A OD1 1 
ATOM   436 O  OD2 . ASP A 1 60 ? -12.456 -10.646 3.167   1.00 53.50 ? 348 ASP A OD2 1 
ATOM   437 N  N   . GLY A 1 61 ? -7.525  -11.205 6.567   1.00 48.79 ? 349 GLY A N   1 
ATOM   438 C  CA  . GLY A 1 61 ? -6.392  -12.068 6.928   1.00 47.86 ? 349 GLY A CA  1 
ATOM   439 C  C   . GLY A 1 61 ? -5.504  -12.571 5.795   1.00 46.89 ? 349 GLY A C   1 
ATOM   440 O  O   . GLY A 1 61 ? -4.655  -13.448 6.004   1.00 47.15 ? 349 GLY A O   1 
ATOM   441 N  N   . ARG A 1 62 ? -5.701  -12.042 4.588   1.00 46.03 ? 350 ARG A N   1 
ATOM   442 C  CA  . ARG A 1 62 ? -4.697  -12.197 3.516   1.00 44.56 ? 350 ARG A CA  1 
ATOM   443 C  C   . ARG A 1 62 ? -3.990  -10.841 3.407   1.00 42.80 ? 350 ARG A C   1 
ATOM   444 O  O   . ARG A 1 62 ? -4.629  -9.804  3.616   1.00 42.89 ? 350 ARG A O   1 
ATOM   445 C  CB  . ARG A 1 62 ? -5.338  -12.655 2.189   1.00 45.31 ? 350 ARG A CB  1 
ATOM   446 N  N   . PHE A 1 63 ? -2.683  -10.843 3.142   1.00 40.71 ? 351 PHE A N   1 
ATOM   447 C  CA  . PHE A 1 63 ? -1.905  -9.594  3.146   1.00 38.99 ? 351 PHE A CA  1 
ATOM   448 C  C   . PHE A 1 63 ? -0.727  -9.616  2.180   1.00 37.11 ? 351 PHE A C   1 
ATOM   449 O  O   . PHE A 1 63 ? -0.258  -10.681 1.789   1.00 36.38 ? 351 PHE A O   1 
ATOM   450 C  CB  . PHE A 1 63 ? -1.398  -9.249  4.565   1.00 39.43 ? 351 PHE A CB  1 
ATOM   451 C  CG  . PHE A 1 63 ? -0.175  -10.042 4.976   1.00 40.67 ? 351 PHE A CG  1 
ATOM   452 C  CD1 . PHE A 1 63 ? -0.312  -11.311 5.539   1.00 40.82 ? 351 PHE A CD1 1 
ATOM   453 C  CD2 . PHE A 1 63 ? 1.107   -9.538  4.751   1.00 40.38 ? 351 PHE A CD2 1 
ATOM   454 C  CE1 . PHE A 1 63 ? 0.802   -12.049 5.887   1.00 42.43 ? 351 PHE A CE1 1 
ATOM   455 C  CE2 . PHE A 1 63 ? 2.233   -10.267 5.091   1.00 42.20 ? 351 PHE A CE2 1 
ATOM   456 C  CZ  . PHE A 1 63 ? 2.090   -11.524 5.670   1.00 43.43 ? 351 PHE A CZ  1 
ATOM   457 N  N   . GLY A 1 64 ? -0.258  -8.421  1.809   1.00 35.46 ? 352 GLY A N   1 
ATOM   458 C  CA  . GLY A 1 64 ? 0.988   -8.254  1.058   1.00 33.54 ? 352 GLY A CA  1 
ATOM   459 C  C   . GLY A 1 64 ? 1.564   -6.876  1.345   1.00 32.63 ? 352 GLY A C   1 
ATOM   460 O  O   . GLY A 1 64 ? 0.880   -6.001  1.875   1.00 32.41 ? 352 GLY A O   1 
ATOM   461 N  N   . TYR A 1 65 ? 2.820   -6.672  0.980   1.00 32.14 ? 353 TYR A N   1 
ATOM   462 C  CA  . TYR A 1 65 ? 3.504   -5.427  1.290   1.00 31.48 ? 353 TYR A CA  1 
ATOM   463 C  C   . TYR A 1 65 ? 4.584   -5.071  0.268   1.00 30.77 ? 353 TYR A C   1 
ATOM   464 O  O   . TYR A 1 65 ? 5.080   -5.927  -0.474  1.00 30.22 ? 353 TYR A O   1 
ATOM   465 C  CB  . TYR A 1 65 ? 4.116   -5.490  2.690   1.00 32.08 ? 353 TYR A CB  1 
ATOM   466 C  CG  . TYR A 1 65 ? 4.983   -6.706  2.906   1.00 32.99 ? 353 TYR A CG  1 
ATOM   467 C  CD1 . TYR A 1 65 ? 4.480   -7.835  3.556   1.00 34.07 ? 353 TYR A CD1 1 
ATOM   468 C  CD2 . TYR A 1 65 ? 6.305   -6.737  2.452   1.00 33.93 ? 353 TYR A CD2 1 
ATOM   469 C  CE1 . TYR A 1 65 ? 5.279   -8.963  3.756   1.00 33.69 ? 353 TYR A CE1 1 
ATOM   470 C  CE2 . TYR A 1 65 ? 7.104   -7.855  2.646   1.00 34.85 ? 353 TYR A CE2 1 
ATOM   471 C  CZ  . TYR A 1 65 ? 6.578   -8.962  3.307   1.00 34.54 ? 353 TYR A CZ  1 
ATOM   472 O  OH  . TYR A 1 65 ? 7.356   -10.068 3.505   1.00 35.63 ? 353 TYR A OH  1 
ATOM   473 N  N   . SER A 1 66 ? 4.923   -3.790  0.221   1.00 29.29 ? 354 SER A N   1 
ATOM   474 C  CA  . SER A 1 66 ? 6.087   -3.348  -0.507  1.00 28.98 ? 354 SER A CA  1 
ATOM   475 C  C   . SER A 1 66 ? 6.464   -1.939  -0.181  1.00 27.67 ? 354 SER A C   1 
ATOM   476 O  O   . SER A 1 66 ? 5.693   -1.196  0.422   1.00 27.82 ? 354 SER A O   1 
ATOM   477 C  CB  . SER A 1 66 ? 5.905   -3.500  -2.019  1.00 29.01 ? 354 SER A CB  1 
ATOM   478 O  OG  . SER A 1 66 ? 6.573   -4.673  -2.441  1.00 31.89 ? 354 SER A OG  1 
ATOM   479 N  N   . LYS A 1 67 ? 7.670   -1.601  -0.606  1.00 27.05 ? 355 LYS A N   1 
ATOM   480 C  CA  . LYS A 1 67 ? 8.257   -0.288  -0.435  1.00 26.52 ? 355 LYS A CA  1 
ATOM   481 C  C   . LYS A 1 67 ? 7.735   0.607   -1.516  1.00 25.82 ? 355 LYS A C   1 
ATOM   482 O  O   . LYS A 1 67 ? 7.782   0.246   -2.681  1.00 26.73 ? 355 LYS A O   1 
ATOM   483 C  CB  . LYS A 1 67 ? 9.780   -0.353  -0.565  1.00 25.43 ? 355 LYS A CB  1 
ATOM   484 C  CG  . LYS A 1 67 ? 10.445  1.016   -0.426  1.00 27.83 ? 355 LYS A CG  1 
ATOM   485 C  CD  . LYS A 1 67 ? 11.926  0.953   -0.635  1.00 28.45 ? 355 LYS A CD  1 
ATOM   486 C  CE  . LYS A 1 67 ? 12.259  1.107   -2.073  1.00 31.51 ? 355 LYS A CE  1 
ATOM   487 N  NZ  . LYS A 1 67 ? 13.637  0.603   -2.227  1.00 34.97 ? 355 LYS A NZ  1 
ATOM   488 N  N   . LEU A 1 68 ? 7.264   1.784   -1.132  1.00 25.62 ? 356 LEU A N   1 
ATOM   489 C  CA  . LEU A 1 68 ? 6.979   2.800   -2.090  1.00 25.96 ? 356 LEU A CA  1 
ATOM   490 C  C   . LEU A 1 68 ? 7.872   3.988   -1.761  1.00 27.16 ? 356 LEU A C   1 
ATOM   491 O  O   . LEU A 1 68 ? 7.863   4.509   -0.630  1.00 27.81 ? 356 LEU A O   1 
ATOM   492 C  CB  . LEU A 1 68 ? 5.474   3.105   -2.132  1.00 25.29 ? 356 LEU A CB  1 
ATOM   493 C  CG  . LEU A 1 68 ? 4.723   4.267   -2.811  1.00 25.43 ? 356 LEU A CG  1 
ATOM   494 C  CD1 . LEU A 1 68 ? 5.352   4.784   -4.038  1.00 26.26 ? 356 LEU A CD1 1 
ATOM   495 C  CD2 . LEU A 1 68 ? 3.268   3.919   -3.089  1.00 24.41 ? 356 LEU A CD2 1 
ATOM   496 N  N   . SER A 1 69 ? 8.699   4.356   -2.737  1.00 28.02 ? 357 SER A N   1 
ATOM   497 C  CA  . SER A 1 69 ? 9.522   5.559   -2.660  1.00 29.70 ? 357 SER A CA  1 
ATOM   498 C  C   . SER A 1 69 ? 8.761   6.722   -3.217  1.00 30.44 ? 357 SER A C   1 
ATOM   499 O  O   . SER A 1 69 ? 8.621   6.842   -4.418  1.00 30.02 ? 357 SER A O   1 
ATOM   500 C  CB  . SER A 1 69 ? 10.777  5.388   -3.476  1.00 29.10 ? 357 SER A CB  1 
ATOM   501 O  OG  . SER A 1 69 ? 11.540  4.340   -2.944  1.00 30.47 ? 357 SER A OG  1 
ATOM   502 N  N   . PHE A 1 70 ? 8.261   7.569   -2.329  1.00 33.01 ? 358 PHE A N   1 
ATOM   503 C  CA  . PHE A 1 70 ? 7.378   8.666   -2.713  1.00 35.08 ? 358 PHE A CA  1 
ATOM   504 C  C   . PHE A 1 70 ? 8.202   9.707   -3.410  1.00 37.13 ? 358 PHE A C   1 
ATOM   505 O  O   . PHE A 1 70 ? 9.184   10.195  -2.838  1.00 38.22 ? 358 PHE A O   1 
ATOM   506 C  CB  . PHE A 1 70 ? 6.695   9.268   -1.491  1.00 34.57 ? 358 PHE A CB  1 
ATOM   507 C  CG  . PHE A 1 70 ? 5.444   8.561   -1.107  1.00 33.76 ? 358 PHE A CG  1 
ATOM   508 C  CD1 . PHE A 1 70 ? 4.201   9.096   -1.437  1.00 32.19 ? 358 PHE A CD1 1 
ATOM   509 C  CD2 . PHE A 1 70 ? 5.496   7.343   -0.444  1.00 32.79 ? 358 PHE A CD2 1 
ATOM   510 C  CE1 . PHE A 1 70 ? 3.024   8.435   -1.103  1.00 30.04 ? 358 PHE A CE1 1 
ATOM   511 C  CE2 . PHE A 1 70 ? 4.325   6.673   -0.102  1.00 32.34 ? 358 PHE A CE2 1 
ATOM   512 C  CZ  . PHE A 1 70 ? 3.084   7.224   -0.430  1.00 31.10 ? 358 PHE A CZ  1 
ATOM   513 N  N   . GLY A 1 71 ? 7.819   10.028  -4.641  1.00 38.57 ? 359 GLY A N   1 
ATOM   514 C  CA  . GLY A 1 71 ? 8.582   10.949  -5.430  1.00 40.89 ? 359 GLY A CA  1 
ATOM   515 C  C   . GLY A 1 71 ? 9.478   10.249  -6.422  1.00 42.92 ? 359 GLY A C   1 
ATOM   516 O  O   . GLY A 1 71 ? 10.116  10.929  -7.215  1.00 43.90 ? 359 GLY A O   1 
ATOM   517 N  N   . LYS A 1 72 ? 9.541   8.911   -6.384  1.00 44.00 ? 360 LYS A N   1 
ATOM   518 C  CA  . LYS A 1 72 ? 10.342  8.088   -7.322  1.00 45.10 ? 360 LYS A CA  1 
ATOM   519 C  C   . LYS A 1 72 ? 9.474   6.990   -7.989  1.00 45.52 ? 360 LYS A C   1 
ATOM   520 O  O   . LYS A 1 72 ? 9.617   6.703   -9.187  1.00 45.62 ? 360 LYS A O   1 
ATOM   521 C  CB  . LYS A 1 72 ? 11.508  7.367   -6.614  1.00 45.21 ? 360 LYS A CB  1 
ATOM   522 C  CG  . LYS A 1 72 ? 12.403  8.175   -5.622  1.00 49.06 ? 360 LYS A CG  1 
ATOM   523 C  CD  . LYS A 1 72 ? 13.914  8.265   -6.034  1.00 52.86 ? 360 LYS A CD  1 
ATOM   524 C  CE  . LYS A 1 72 ? 14.539  6.901   -6.453  1.00 54.88 ? 360 LYS A CE  1 
ATOM   525 N  NZ  . LYS A 1 72 ? 15.104  6.081   -5.331  1.00 56.56 ? 360 LYS A NZ  1 
ATOM   526 N  N   . ASP A 1 73 ? 8.618   6.346   -7.188  1.00 45.70 ? 361 ASP A N   1 
ATOM   527 C  CA  . ASP A 1 73 ? 7.743   5.261   -7.650  1.00 45.91 ? 361 ASP A CA  1 
ATOM   528 C  C   . ASP A 1 73 ? 6.405   5.884   -7.979  1.00 45.47 ? 361 ASP A C   1 
ATOM   529 O  O   . ASP A 1 73 ? 5.914   6.723   -7.230  1.00 45.56 ? 361 ASP A O   1 
ATOM   530 C  CB  . ASP A 1 73 ? 7.541   4.217   -6.540  1.00 45.84 ? 361 ASP A CB  1 
ATOM   531 C  CG  . ASP A 1 73 ? 8.756   3.333   -6.323  1.00 47.94 ? 361 ASP A CG  1 
ATOM   532 O  OD1 . ASP A 1 73 ? 8.723   2.452   -5.438  1.00 50.93 ? 361 ASP A OD1 1 
ATOM   533 O  OD2 . ASP A 1 73 ? 9.761   3.499   -7.041  1.00 52.42 ? 361 ASP A OD2 1 
ATOM   534 N  N   . ASN A 1 74 ? 5.785   5.501   -9.078  1.00 45.24 ? 362 ASN A N   1 
ATOM   535 C  CA  . ASN A 1 74 ? 4.478   6.116   -9.321  1.00 45.24 ? 362 ASN A CA  1 
ATOM   536 C  C   . ASN A 1 74 ? 3.312   5.323   -8.737  1.00 44.01 ? 362 ASN A C   1 
ATOM   537 O  O   . ASN A 1 74 ? 2.420   5.870   -8.050  1.00 44.13 ? 362 ASN A O   1 
ATOM   538 C  CB  . ASN A 1 74 ? 4.278   6.447   -10.802 1.00 46.12 ? 362 ASN A CB  1 
ATOM   539 C  CG  . ASN A 1 74 ? 5.006   7.720   -11.205 1.00 47.24 ? 362 ASN A CG  1 
ATOM   540 O  OD1 . ASN A 1 74 ? 4.789   8.796   -10.624 1.00 47.89 ? 362 ASN A OD1 1 
ATOM   541 N  ND2 . ASN A 1 74 ? 5.896   7.598   -12.183 1.00 48.80 ? 362 ASN A ND2 1 
ATOM   542 N  N   . GLU A 1 75 ? 3.328   4.031   -9.028  1.00 41.95 ? 363 GLU A N   1 
ATOM   543 C  CA  . GLU A 1 75 ? 2.283   3.162   -8.573  1.00 40.33 ? 363 GLU A CA  1 
ATOM   544 C  C   . GLU A 1 75 ? 2.855   1.798   -8.307  1.00 39.80 ? 363 GLU A C   1 
ATOM   545 O  O   . GLU A 1 75 ? 3.525   1.201   -9.157  1.00 39.61 ? 363 GLU A O   1 
ATOM   546 C  CB  . GLU A 1 75 ? 1.153   3.062   -9.581  1.00 39.82 ? 363 GLU A CB  1 
ATOM   547 C  CG  . GLU A 1 75 ? 0.049   2.159   -9.112  1.00 38.69 ? 363 GLU A CG  1 
ATOM   548 C  CD  . GLU A 1 75 ? -1.078  2.103   -10.088 1.00 36.90 ? 363 GLU A CD  1 
ATOM   549 O  OE1 . GLU A 1 75 ? -1.699  3.177   -10.334 1.00 36.72 ? 363 GLU A OE1 1 
ATOM   550 O  OE2 . GLU A 1 75 ? -1.355  0.995   -10.634 1.00 32.63 ? 363 GLU A OE2 1 
ATOM   551 N  N   . LEU A 1 76 ? 2.563   1.321   -7.108  1.00 38.35 ? 364 LEU A N   1 
ATOM   552 C  CA  . LEU A 1 76 ? 2.989   0.037   -6.654  1.00 37.80 ? 364 LEU A CA  1 
ATOM   553 C  C   . LEU A 1 76 ? 1.832   -0.963  -6.781  1.00 37.21 ? 364 LEU A C   1 
ATOM   554 O  O   . LEU A 1 76 ? 0.732   -0.708  -6.322  1.00 37.72 ? 364 LEU A O   1 
ATOM   555 C  CB  . LEU A 1 76 ? 3.448   0.203   -5.194  1.00 37.71 ? 364 LEU A CB  1 
ATOM   556 C  CG  . LEU A 1 76 ? 3.885   -0.982  -4.356  1.00 37.19 ? 364 LEU A CG  1 
ATOM   557 C  CD1 . LEU A 1 76 ? 5.304   -1.367  -4.725  1.00 37.03 ? 364 LEU A CD1 1 
ATOM   558 C  CD2 . LEU A 1 76 ? 3.787   -0.552  -2.918  1.00 37.37 ? 364 LEU A CD2 1 
ATOM   559 N  N   . LYS A 1 77 ? 2.085   -2.096  -7.416  1.00 37.34 ? 365 LYS A N   1 
ATOM   560 C  CA  . LYS A 1 77 ? 1.152   -3.202  -7.372  1.00 37.20 ? 365 LYS A CA  1 
ATOM   561 C  C   . LYS A 1 77 ? 1.499   -4.123  -6.205  1.00 36.95 ? 365 LYS A C   1 
ATOM   562 O  O   . LYS A 1 77 ? 2.632   -4.604  -6.090  1.00 35.77 ? 365 LYS A O   1 
ATOM   563 C  CB  . LYS A 1 77 ? 1.167   -3.985  -8.687  1.00 37.56 ? 365 LYS A CB  1 
ATOM   564 N  N   . ILE A 1 78 ? 0.519   -4.363  -5.336  1.00 37.16 ? 366 ILE A N   1 
ATOM   565 C  CA  . ILE A 1 78 ? 0.691   -5.331  -4.243  1.00 37.43 ? 366 ILE A CA  1 
ATOM   566 C  C   . ILE A 1 78 ? -0.260  -6.532  -4.379  1.00 38.45 ? 366 ILE A C   1 
ATOM   567 O  O   . ILE A 1 78 ? -1.472  -6.388  -4.479  1.00 38.07 ? 366 ILE A O   1 
ATOM   568 C  CB  . ILE A 1 78 ? 0.536   -4.686  -2.842  1.00 36.82 ? 366 ILE A CB  1 
ATOM   569 C  CG1 . ILE A 1 78 ? 1.699   -3.732  -2.532  1.00 34.23 ? 366 ILE A CG1 1 
ATOM   570 C  CG2 . ILE A 1 78 ? 0.450   -5.758  -1.769  1.00 36.14 ? 366 ILE A CG2 1 
ATOM   571 C  CD1 . ILE A 1 78 ? 1.357   -2.716  -1.459  1.00 30.47 ? 366 ILE A CD1 1 
ATOM   572 N  N   . THR A 1 79 ? 0.344   -7.713  -4.377  1.00 40.02 ? 367 THR A N   1 
ATOM   573 C  CA  . THR A 1 79 ? -0.322  -9.006  -4.453  1.00 41.38 ? 367 THR A CA  1 
ATOM   574 C  C   . THR A 1 79 ? -0.588  -9.531  -3.038  1.00 41.33 ? 367 THR A C   1 
ATOM   575 O  O   . THR A 1 79 ? 0.350   -9.862  -2.313  1.00 41.11 ? 367 THR A O   1 
ATOM   576 C  CB  . THR A 1 79 ? 0.581   -9.990  -5.260  1.00 41.55 ? 367 THR A CB  1 
ATOM   577 O  OG1 . THR A 1 79 ? 0.548   -9.615  -6.643  1.00 43.81 ? 367 THR A OG1 1 
ATOM   578 C  CG2 . THR A 1 79 ? 0.104   -11.430 -5.154  1.00 43.17 ? 367 THR A CG2 1 
ATOM   579 N  N   . LEU A 1 80 ? -1.858  -9.571  -2.639  1.00 41.73 ? 368 LEU A N   1 
ATOM   580 C  CA  . LEU A 1 80 ? -2.230  -10.196 -1.379  1.00 42.35 ? 368 LEU A CA  1 
ATOM   581 C  C   . LEU A 1 80 ? -1.917  -11.694 -1.401  1.00 43.66 ? 368 LEU A C   1 
ATOM   582 O  O   . LEU A 1 80 ? -2.823  -12.523 -1.463  1.00 44.21 ? 368 LEU A O   1 
ATOM   583 C  CB  . LEU A 1 80 ? -3.697  -9.990  -1.101  1.00 41.58 ? 368 LEU A CB  1 
ATOM   584 C  CG  . LEU A 1 80 ? -4.192  -8.585  -0.835  1.00 40.39 ? 368 LEU A CG  1 
ATOM   585 C  CD1 . LEU A 1 80 ? -5.577  -8.730  -0.294  1.00 40.06 ? 368 LEU A CD1 1 
ATOM   586 C  CD2 . LEU A 1 80 ? -3.333  -7.819  0.136   1.00 38.86 ? 368 LEU A CD2 1 
ATOM   587 N  N   . ASP A 1 81 ? -0.625  -12.015 -1.342  1.00 45.04 ? 369 ASP A N   1 
ATOM   588 C  CA  . ASP A 1 81 ? -0.095  -13.348 -1.597  1.00 46.01 ? 369 ASP A CA  1 
ATOM   589 C  C   . ASP A 1 81 ? 0.284   -14.083 -0.316  1.00 46.84 ? 369 ASP A C   1 
ATOM   590 O  O   . ASP A 1 81 ? 1.044   -15.044 -0.367  1.00 47.28 ? 369 ASP A O   1 
ATOM   591 C  CB  . ASP A 1 81 ? 1.161   -13.246 -2.488  1.00 45.86 ? 369 ASP A CB  1 
ATOM   592 N  N   . LYS A 1 82 ? -0.218  -13.647 0.834   1.00 47.38 ? 370 LYS A N   1 
ATOM   593 C  CA  . LYS A 1 82 ? 0.251   -14.217 2.095   1.00 48.06 ? 370 LYS A CA  1 
ATOM   594 C  C   . LYS A 1 82 ? -0.847  -14.310 3.147   1.00 47.97 ? 370 LYS A C   1 
ATOM   595 O  O   . LYS A 1 82 ? -1.916  -13.736 2.978   1.00 47.83 ? 370 LYS A O   1 
ATOM   596 C  CB  . LYS A 1 82 ? 1.421   -13.399 2.636   1.00 48.37 ? 370 LYS A CB  1 
ATOM   597 C  CG  . LYS A 1 82 ? 2.796   -13.847 2.160   1.00 50.22 ? 370 LYS A CG  1 
ATOM   598 C  CD  . LYS A 1 82 ? 3.835   -12.794 2.511   1.00 53.31 ? 370 LYS A CD  1 
ATOM   599 C  CE  . LYS A 1 82 ? 4.161   -11.906 1.316   1.00 55.10 ? 370 LYS A CE  1 
ATOM   600 N  NZ  . LYS A 1 82 ? 5.478   -12.335 0.740   1.00 56.61 ? 370 LYS A NZ  1 
HETATM 601 BA BA  . UNL B 2 .  ? -3.399  1.634   -11.783 0.50 39.90 ? 1   UNL A BA  1 
HETATM 602 O  O   . HOH C 3 .  ? -3.738  11.797  1.053   1.00 40.55 ? 5   HOH A O   1 
HETATM 603 O  O   . HOH C 3 .  ? 10.291  1.753   17.787  1.00 21.81 ? 6   HOH A O   1 
HETATM 604 O  O   . HOH C 3 .  ? -5.225  8.123   7.747   1.00 41.58 ? 7   HOH A O   1 
HETATM 605 O  O   . HOH C 3 .  ? 4.837   -2.477  -8.707  1.00 39.06 ? 11  HOH A O   1 
HETATM 606 O  O   . HOH C 3 .  ? 12.116  10.936  20.106  1.00 34.03 ? 12  HOH A O   1 
# 
